data_9FXH
#
_entry.id   9FXH
#
_cell.length_a   86.185
_cell.length_b   149.266
_cell.length_c   96.007
_cell.angle_alpha   90.00
_cell.angle_beta   96.87
_cell.angle_gamma   90.00
#
_symmetry.space_group_name_H-M   'C 1 2 1'
#
loop_
_entity.id
_entity.type
_entity.pdbx_description
1 polymer 'Glutaminyl-peptide cyclotransferase'
2 non-polymer 'COBALT (II) ION'
3 non-polymer 'SULFATE ION'
4 non-polymer GLYCEROL
5 water water
#
_entity_poly.entity_id   1
_entity_poly.type   'polypeptide(L)'
_entity_poly.pdbx_seq_one_letter_code
;MRGSHHHHHHGSASAWPEEKNYHQPAILNSSALRQIAEGTSISEMWQNDLQPLLIERYPGSPGSYAARQHIMQRIQRLQA
DWVLEIDTFLSQTPEGERSFSNIISTLNPTAKRHLVLACHYDSKYFSHWNNRVFVGATDSAVPCAMMLELARALDKKLLS
LKTVSDSKPDLSLQLIFFDGEEAFLHWSPQDSLYGSRHLAAKMASTPHPPGARGTSQLHGMDLLVLLDLIGAPNPTFPNF
FPNSARWFERLQAIEHELHELGLLKDHSLEGRYFQNYSYGGVIQDDHIPFLRRGVPVLHLIPSPFPEVWHTMDDNEENLD
ESTIDNLNKILQVFVLEYLHL
;
_entity_poly.pdbx_strand_id   A,B,C
#
loop_
_chem_comp.id
_chem_comp.type
_chem_comp.name
_chem_comp.formula
CO non-polymer 'COBALT (II) ION' 'Co 2'
GOL non-polymer GLYCEROL 'C3 H8 O3'
SO4 non-polymer 'SULFATE ION' 'O4 S -2'
#
# COMPACT_ATOMS: atom_id res chain seq x y z
N SER A 14 0.59 -18.72 -2.53
CA SER A 14 -0.31 -18.71 -3.73
C SER A 14 -1.16 -17.44 -3.73
N ALA A 15 -2.48 -17.59 -3.57
CA ALA A 15 -3.43 -16.49 -3.58
C ALA A 15 -4.16 -16.35 -2.25
N TRP A 16 -3.80 -17.17 -1.24
CA TRP A 16 -4.49 -17.18 0.05
C TRP A 16 -4.53 -15.77 0.63
N PRO A 17 -3.49 -14.93 0.45
CA PRO A 17 -3.53 -13.54 0.91
C PRO A 17 -4.64 -12.65 0.33
N GLU A 18 -5.29 -13.09 -0.76
CA GLU A 18 -6.36 -12.29 -1.35
C GLU A 18 -7.72 -12.79 -0.86
N GLU A 19 -7.69 -13.89 -0.10
CA GLU A 19 -8.89 -14.51 0.41
C GLU A 19 -9.73 -13.51 1.18
N LYS A 20 -9.08 -12.61 1.94
CA LYS A 20 -9.76 -11.67 2.82
C LYS A 20 -10.59 -10.72 1.98
N ASN A 21 -10.12 -10.51 0.73
CA ASN A 21 -10.81 -9.61 -0.20
C ASN A 21 -12.19 -10.16 -0.60
N TYR A 22 -12.41 -11.46 -0.37
CA TYR A 22 -13.60 -12.13 -0.86
C TYR A 22 -14.46 -12.60 0.31
N HIS A 23 -13.88 -12.51 1.53
CA HIS A 23 -14.45 -13.16 2.69
C HIS A 23 -15.79 -12.50 3.01
N GLN A 24 -16.81 -13.34 3.26
CA GLN A 24 -18.16 -12.86 3.56
C GLN A 24 -18.50 -13.23 4.99
N PRO A 25 -19.46 -12.55 5.65
CA PRO A 25 -19.94 -13.02 6.95
C PRO A 25 -20.97 -14.12 6.70
N ALA A 26 -20.99 -15.11 7.60
CA ALA A 26 -22.18 -15.94 7.82
C ALA A 26 -23.03 -15.25 8.89
N ILE A 27 -24.19 -14.72 8.45
CA ILE A 27 -25.03 -13.78 9.20
C ILE A 27 -25.97 -14.53 10.13
N LEU A 28 -26.07 -14.05 11.39
CA LEU A 28 -26.85 -14.77 12.39
C LEU A 28 -28.31 -14.32 12.31
N ASN A 29 -29.22 -15.30 12.44
CA ASN A 29 -30.65 -15.03 12.52
C ASN A 29 -31.04 -14.52 13.91
N SER A 30 -32.33 -14.20 14.05
CA SER A 30 -32.83 -13.49 15.23
C SER A 30 -32.57 -14.28 16.51
N SER A 31 -32.94 -15.57 16.52
CA SER A 31 -32.73 -16.34 17.74
C SER A 31 -31.25 -16.40 18.11
N ALA A 32 -30.36 -16.41 17.11
CA ALA A 32 -28.92 -16.43 17.35
C ALA A 32 -28.47 -15.10 17.96
N LEU A 33 -29.00 -13.99 17.42
CA LEU A 33 -28.70 -12.67 17.95
C LEU A 33 -29.14 -12.55 19.41
N ARG A 34 -30.29 -13.13 19.74
CA ARG A 34 -30.89 -13.13 21.06
C ARG A 34 -29.95 -13.85 22.05
N GLN A 35 -29.44 -15.01 21.64
CA GLN A 35 -28.56 -15.82 22.45
C GLN A 35 -27.25 -15.09 22.72
N ILE A 36 -26.75 -14.38 21.71
CA ILE A 36 -25.51 -13.64 21.90
C ILE A 36 -25.74 -12.51 22.89
N ALA A 37 -26.84 -11.76 22.69
CA ALA A 37 -27.17 -10.68 23.59
C ALA A 37 -27.32 -11.22 25.02
N GLU A 38 -27.75 -12.47 25.18
CA GLU A 38 -27.97 -13.00 26.51
C GLU A 38 -26.70 -13.58 27.09
N GLY A 39 -25.69 -13.80 26.24
CA GLY A 39 -24.49 -14.50 26.66
C GLY A 39 -23.38 -13.56 27.10
N THR A 40 -23.68 -12.26 27.13
CA THR A 40 -22.68 -11.32 27.60
C THR A 40 -23.20 -10.73 28.92
N SER A 41 -22.29 -10.43 29.85
CA SER A 41 -22.63 -9.85 31.14
C SER A 41 -21.82 -8.58 31.38
N ILE A 42 -22.50 -7.43 31.32
CA ILE A 42 -21.79 -6.19 31.52
C ILE A 42 -21.30 -6.11 32.98
N SER A 43 -22.00 -6.77 33.90
CA SER A 43 -21.67 -6.64 35.30
C SER A 43 -20.42 -7.44 35.62
N GLU A 44 -20.34 -8.64 35.01
CA GLU A 44 -19.27 -9.59 35.27
C GLU A 44 -17.98 -9.11 34.62
N MET A 45 -18.11 -8.31 33.56
CA MET A 45 -16.95 -7.70 32.92
C MET A 45 -16.41 -6.59 33.81
N TRP A 46 -17.33 -5.73 34.26
CA TRP A 46 -17.01 -4.56 35.06
C TRP A 46 -16.11 -5.00 36.20
N GLN A 47 -16.54 -6.04 36.91
CA GLN A 47 -15.86 -6.45 38.14
C GLN A 47 -14.55 -7.18 37.80
N ASN A 48 -14.64 -8.26 37.00
CA ASN A 48 -13.57 -9.24 36.81
C ASN A 48 -12.61 -8.84 35.70
N ASP A 49 -13.10 -8.06 34.72
CA ASP A 49 -12.28 -7.66 33.58
C ASP A 49 -11.80 -6.22 33.70
N LEU A 50 -12.73 -5.31 34.03
CA LEU A 50 -12.46 -3.90 33.92
C LEU A 50 -11.83 -3.36 35.20
N GLN A 51 -12.54 -3.48 36.31
CA GLN A 51 -12.11 -2.85 37.55
C GLN A 51 -10.61 -3.04 37.83
N PRO A 52 -10.04 -4.26 37.71
CA PRO A 52 -8.60 -4.45 37.92
C PRO A 52 -7.68 -3.60 37.03
N LEU A 53 -8.19 -3.05 35.93
CA LEU A 53 -7.29 -2.38 35.01
C LEU A 53 -7.24 -0.89 35.34
N LEU A 54 -8.14 -0.48 36.25
CA LEU A 54 -8.33 0.92 36.57
C LEU A 54 -7.32 1.36 37.64
N ILE A 55 -6.07 1.39 37.19
CA ILE A 55 -4.88 1.64 37.97
C ILE A 55 -3.91 2.34 37.02
N GLU A 56 -2.92 3.03 37.56
CA GLU A 56 -1.82 3.56 36.77
C GLU A 56 -1.01 2.39 36.19
N ARG A 57 -0.89 2.33 34.85
CA ARG A 57 -0.20 1.22 34.20
C ARG A 57 0.67 1.67 33.03
N TYR A 58 1.45 2.73 33.22
CA TYR A 58 2.40 3.19 32.21
C TYR A 58 3.61 2.26 32.18
N PRO A 59 4.49 2.34 31.16
CA PRO A 59 5.60 1.37 31.06
C PRO A 59 6.54 1.36 32.26
N GLY A 60 6.80 0.17 32.82
CA GLY A 60 7.77 0.03 33.90
C GLY A 60 7.10 0.14 35.26
N SER A 61 5.88 0.69 35.26
CA SER A 61 5.09 0.83 36.48
C SER A 61 4.69 -0.53 37.03
N PRO A 62 4.50 -0.65 38.37
CA PRO A 62 3.84 -1.82 38.95
C PRO A 62 2.56 -2.17 38.21
N GLY A 63 1.84 -1.13 37.78
CA GLY A 63 0.54 -1.31 37.18
C GLY A 63 0.67 -1.98 35.82
N SER A 64 1.75 -1.63 35.13
CA SER A 64 2.12 -2.25 33.88
C SER A 64 2.12 -3.77 34.06
N TYR A 65 2.81 -4.23 35.13
CA TYR A 65 3.09 -5.62 35.43
C TYR A 65 1.81 -6.35 35.84
N ALA A 66 0.98 -5.68 36.64
CA ALA A 66 -0.29 -6.24 37.07
C ALA A 66 -1.29 -6.24 35.92
N ALA A 67 -1.20 -5.24 35.04
CA ALA A 67 -2.11 -5.21 33.91
C ALA A 67 -1.89 -6.46 33.08
N ARG A 68 -0.62 -6.69 32.68
CA ARG A 68 -0.15 -7.86 31.95
C ARG A 68 -0.66 -9.14 32.61
N GLN A 69 -0.20 -9.38 33.85
CA GLN A 69 -0.66 -10.45 34.71
C GLN A 69 -2.16 -10.66 34.55
N HIS A 70 -2.93 -9.57 34.70
CA HIS A 70 -4.38 -9.68 34.76
C HIS A 70 -4.92 -10.19 33.43
N ILE A 71 -4.31 -9.75 32.33
CA ILE A 71 -4.75 -10.07 30.99
C ILE A 71 -4.41 -11.54 30.68
N MET A 72 -3.17 -11.96 30.96
CA MET A 72 -2.79 -13.34 30.69
C MET A 72 -3.65 -14.32 31.48
N GLN A 73 -3.93 -13.99 32.74
CA GLN A 73 -4.69 -14.88 33.61
C GLN A 73 -6.13 -15.02 33.11
N ARG A 74 -6.72 -13.93 32.60
CA ARG A 74 -8.12 -13.94 32.26
C ARG A 74 -8.34 -14.81 31.02
N ILE A 75 -7.35 -14.77 30.12
CA ILE A 75 -7.37 -15.56 28.90
C ILE A 75 -7.03 -17.02 29.22
N GLN A 76 -6.29 -17.27 30.31
CA GLN A 76 -5.79 -18.60 30.58
C GLN A 76 -6.88 -19.49 31.16
N ARG A 77 -7.80 -18.90 31.91
CA ARG A 77 -8.84 -19.65 32.60
C ARG A 77 -9.87 -20.19 31.62
N LEU A 78 -9.78 -19.77 30.36
CA LEU A 78 -10.79 -20.11 29.37
C LEU A 78 -10.36 -21.41 28.69
N GLN A 79 -11.34 -22.16 28.15
CA GLN A 79 -11.15 -23.46 27.52
C GLN A 79 -10.49 -23.34 26.15
N ALA A 80 -10.86 -22.32 25.37
CA ALA A 80 -10.36 -22.19 24.02
C ALA A 80 -8.84 -22.16 24.04
N ASP A 81 -8.23 -22.72 23.00
CA ASP A 81 -6.81 -23.02 22.97
C ASP A 81 -5.98 -21.77 22.78
N TRP A 82 -6.14 -20.78 23.65
CA TRP A 82 -5.43 -19.54 23.46
C TRP A 82 -3.93 -19.75 23.64
N VAL A 83 -3.13 -19.39 22.62
CA VAL A 83 -1.69 -19.31 22.78
C VAL A 83 -1.29 -17.86 23.07
N LEU A 84 -0.44 -17.67 24.09
CA LEU A 84 0.01 -16.34 24.51
C LEU A 84 1.50 -16.13 24.25
N GLU A 85 1.85 -14.94 23.76
CA GLU A 85 3.23 -14.47 23.68
C GLU A 85 3.34 -13.07 24.26
N ILE A 86 4.47 -12.84 24.95
CA ILE A 86 4.91 -11.51 25.36
C ILE A 86 6.02 -11.10 24.40
N ASP A 87 5.67 -10.18 23.49
CA ASP A 87 6.63 -9.46 22.66
C ASP A 87 7.17 -8.34 23.55
N THR A 88 8.34 -8.61 24.15
CA THR A 88 8.99 -7.67 25.03
C THR A 88 10.23 -7.13 24.31
N PHE A 89 10.53 -5.85 24.50
CA PHE A 89 11.69 -5.23 23.88
C PHE A 89 12.03 -3.94 24.61
N LEU A 90 13.24 -3.41 24.35
CA LEU A 90 13.74 -2.16 24.88
C LEU A 90 13.72 -1.08 23.80
N SER A 91 13.37 0.16 24.16
CA SER A 91 13.58 1.29 23.27
C SER A 91 13.87 2.55 24.08
N GLN A 92 14.80 3.36 23.58
CA GLN A 92 14.99 4.73 24.04
C GLN A 92 13.64 5.44 24.18
N THR A 93 13.49 6.22 25.26
CA THR A 93 12.34 7.10 25.36
C THR A 93 12.80 8.46 25.88
N PRO A 94 11.96 9.51 25.85
CA PRO A 94 12.32 10.79 26.47
C PRO A 94 12.80 10.67 27.92
N GLU A 95 12.41 9.60 28.63
CA GLU A 95 12.88 9.39 30.00
C GLU A 95 14.07 8.42 30.06
N GLY A 96 14.66 8.09 28.90
CA GLY A 96 15.72 7.09 28.85
C GLY A 96 15.16 5.70 28.53
N GLU A 97 16.05 4.71 28.40
CA GLU A 97 15.65 3.38 27.98
C GLU A 97 14.51 2.87 28.84
N ARG A 98 13.53 2.21 28.20
CA ARG A 98 12.40 1.60 28.87
C ARG A 98 12.11 0.26 28.21
N SER A 99 11.46 -0.61 28.98
CA SER A 99 11.04 -1.92 28.54
C SER A 99 9.56 -1.89 28.16
N PHE A 100 9.23 -2.42 26.97
CA PHE A 100 7.86 -2.59 26.56
C PHE A 100 7.55 -4.07 26.30
N SER A 101 6.26 -4.44 26.52
CA SER A 101 5.74 -5.79 26.34
C SER A 101 4.34 -5.76 25.73
N ASN A 102 4.23 -6.11 24.44
CA ASN A 102 2.94 -6.42 23.84
C ASN A 102 2.49 -7.81 24.25
N ILE A 103 1.19 -7.93 24.58
CA ILE A 103 0.54 -9.20 24.82
C ILE A 103 -0.19 -9.62 23.55
N ILE A 104 0.10 -10.83 23.06
CA ILE A 104 -0.55 -11.39 21.90
C ILE A 104 -1.28 -12.64 22.35
N SER A 105 -2.54 -12.79 21.97
CA SER A 105 -3.26 -13.97 22.35
C SER A 105 -3.88 -14.60 21.11
N THR A 106 -3.34 -15.74 20.63
CA THR A 106 -3.74 -16.29 19.34
C THR A 106 -4.38 -17.67 19.45
N LEU A 107 -5.56 -17.83 18.82
CA LEU A 107 -6.08 -19.16 18.55
C LEU A 107 -5.57 -19.62 17.19
N ASN A 108 -5.27 -20.93 17.08
CA ASN A 108 -4.75 -21.54 15.87
C ASN A 108 -3.57 -20.75 15.29
N PRO A 109 -2.43 -20.63 16.01
CA PRO A 109 -1.35 -19.76 15.55
C PRO A 109 -0.83 -19.99 14.13
N THR A 110 -1.02 -21.20 13.61
CA THR A 110 -0.41 -21.53 12.32
C THR A 110 -1.44 -21.45 11.18
N ALA A 111 -2.70 -21.13 11.53
CA ALA A 111 -3.69 -20.69 10.54
C ALA A 111 -3.07 -19.53 9.77
N LYS A 112 -3.24 -19.57 8.43
CA LYS A 112 -2.70 -18.58 7.52
C LYS A 112 -3.36 -17.22 7.75
N ARG A 113 -4.64 -17.26 8.17
CA ARG A 113 -5.46 -16.06 8.30
C ARG A 113 -5.95 -15.87 9.73
N HIS A 114 -6.05 -14.58 10.13
CA HIS A 114 -6.55 -14.13 11.41
C HIS A 114 -7.28 -12.80 11.28
N LEU A 115 -8.48 -12.75 11.86
CA LEU A 115 -9.10 -11.50 12.27
C LEU A 115 -8.42 -11.03 13.56
N VAL A 116 -8.07 -9.74 13.63
CA VAL A 116 -7.32 -9.26 14.78
C VAL A 116 -8.05 -8.11 15.48
N LEU A 117 -8.50 -8.36 16.73
CA LEU A 117 -8.93 -7.32 17.65
C LEU A 117 -7.69 -6.80 18.39
N ALA A 118 -7.66 -5.48 18.64
CA ALA A 118 -6.54 -4.87 19.31
C ALA A 118 -6.97 -3.66 20.15
N CYS A 119 -6.16 -3.40 21.17
CA CYS A 119 -6.18 -2.12 21.83
C CYS A 119 -4.84 -1.92 22.53
N HIS A 120 -4.73 -0.85 23.32
CA HIS A 120 -3.55 -0.58 24.11
C HIS A 120 -3.93 -0.67 25.59
N TYR A 121 -3.09 -1.35 26.39
CA TYR A 121 -3.35 -1.57 27.80
C TYR A 121 -2.54 -0.58 28.65
N ASP A 122 -1.52 0.04 28.06
CA ASP A 122 -0.76 1.05 28.79
C ASP A 122 -1.69 2.25 29.05
N SER A 123 -1.46 2.96 30.16
CA SER A 123 -2.12 4.24 30.37
C SER A 123 -1.10 5.37 30.30
N LYS A 124 -1.53 6.57 29.90
CA LYS A 124 -0.62 7.68 29.67
C LYS A 124 -0.08 8.18 31.01
N TYR A 125 1.17 8.67 31.01
CA TYR A 125 1.77 9.20 32.22
C TYR A 125 1.27 10.61 32.51
N PHE A 126 0.71 10.80 33.71
CA PHE A 126 0.46 12.12 34.28
C PHE A 126 1.00 12.16 35.70
N SER A 127 1.50 13.33 36.13
CA SER A 127 1.77 13.54 37.54
C SER A 127 0.46 13.85 38.26
N HIS A 128 0.52 13.83 39.60
CA HIS A 128 -0.65 13.58 40.42
C HIS A 128 -1.41 14.86 40.79
N ASN A 131 -5.40 15.34 44.47
CA ASN A 131 -4.64 14.13 44.88
C ASN A 131 -4.87 13.00 43.87
N ARG A 132 -5.15 13.37 42.60
CA ARG A 132 -5.76 12.43 41.67
C ARG A 132 -4.76 11.84 40.68
N VAL A 133 -5.14 10.68 40.12
CA VAL A 133 -4.27 9.84 39.32
C VAL A 133 -4.98 9.49 38.02
N PHE A 134 -4.23 9.41 36.91
CA PHE A 134 -4.84 9.15 35.60
C PHE A 134 -4.90 7.65 35.34
N VAL A 135 -6.11 7.12 35.08
CA VAL A 135 -6.26 5.69 34.88
C VAL A 135 -6.78 5.34 33.47
N GLY A 136 -7.11 6.36 32.64
CA GLY A 136 -7.60 6.14 31.28
C GLY A 136 -8.68 5.06 31.18
N ALA A 137 -9.89 5.30 31.72
CA ALA A 137 -10.94 4.29 31.72
C ALA A 137 -11.36 3.93 30.31
N THR A 138 -11.83 4.96 29.57
CA THR A 138 -12.10 4.81 28.15
C THR A 138 -10.81 4.60 27.35
N ASP A 139 -9.65 4.99 27.91
CA ASP A 139 -8.44 5.11 27.12
C ASP A 139 -7.27 4.34 27.79
N SER A 140 -7.24 2.99 27.72
CA SER A 140 -8.16 2.12 27.01
C SER A 140 -8.51 0.89 27.85
N ALA A 141 -8.79 1.12 29.12
CA ALA A 141 -9.06 0.00 30.02
C ALA A 141 -10.35 -0.68 29.58
N VAL A 142 -11.29 0.11 29.05
CA VAL A 142 -12.58 -0.43 28.66
C VAL A 142 -12.44 -1.24 27.38
N PRO A 143 -11.69 -0.78 26.35
CA PRO A 143 -11.36 -1.67 25.22
C PRO A 143 -10.73 -3.01 25.61
N CYS A 144 -9.87 -2.97 26.63
CA CYS A 144 -9.26 -4.18 27.18
C CYS A 144 -10.33 -5.09 27.72
N ALA A 145 -11.19 -4.58 28.61
CA ALA A 145 -12.15 -5.46 29.26
C ALA A 145 -13.10 -6.04 28.23
N MET A 146 -13.33 -5.29 27.13
CA MET A 146 -14.32 -5.68 26.14
C MET A 146 -13.81 -6.89 25.35
N MET A 147 -12.50 -6.85 25.04
CA MET A 147 -11.78 -7.92 24.39
C MET A 147 -11.78 -9.15 25.30
N LEU A 148 -11.57 -8.95 26.61
CA LEU A 148 -11.56 -10.06 27.55
C LEU A 148 -12.98 -10.60 27.74
N GLU A 149 -13.98 -9.72 27.70
CA GLU A 149 -15.34 -10.19 27.87
C GLU A 149 -15.76 -10.97 26.62
N LEU A 150 -15.21 -10.55 25.46
CA LEU A 150 -15.48 -11.24 24.21
C LEU A 150 -14.86 -12.65 24.25
N ALA A 151 -13.56 -12.72 24.58
CA ALA A 151 -12.87 -13.99 24.77
C ALA A 151 -13.74 -14.95 25.58
N ARG A 152 -14.25 -14.46 26.72
CA ARG A 152 -15.05 -15.21 27.67
C ARG A 152 -16.46 -15.49 27.13
N ALA A 153 -17.16 -14.45 26.66
CA ALA A 153 -18.56 -14.65 26.29
C ALA A 153 -18.66 -15.72 25.19
N LEU A 154 -17.64 -15.81 24.33
CA LEU A 154 -17.71 -16.65 23.12
C LEU A 154 -16.92 -17.94 23.27
N ASP A 155 -16.55 -18.30 24.51
CA ASP A 155 -15.57 -19.34 24.77
C ASP A 155 -15.97 -20.66 24.11
N LYS A 156 -17.21 -21.12 24.34
CA LYS A 156 -17.65 -22.42 23.86
C LYS A 156 -17.62 -22.45 22.33
N LYS A 157 -18.07 -21.34 21.70
CA LYS A 157 -18.11 -21.22 20.25
C LYS A 157 -16.69 -21.11 19.68
N LEU A 158 -15.79 -20.36 20.37
CA LEU A 158 -14.42 -20.19 19.92
C LEU A 158 -13.64 -21.48 20.09
N LEU A 159 -14.12 -22.34 21.02
CA LEU A 159 -13.45 -23.59 21.36
C LEU A 159 -13.59 -24.59 20.22
N SER A 160 -14.61 -24.41 19.37
CA SER A 160 -14.81 -25.34 18.27
C SER A 160 -13.80 -25.07 17.16
N LEU A 161 -13.15 -23.89 17.21
CA LEU A 161 -12.07 -23.57 16.29
C LEU A 161 -10.85 -24.48 16.51
N LYS A 162 -10.98 -25.42 17.45
CA LYS A 162 -9.90 -26.33 17.82
C LYS A 162 -10.00 -27.55 16.90
N THR A 163 -11.24 -28.00 16.72
CA THR A 163 -11.66 -29.06 15.81
C THR A 163 -11.03 -28.87 14.40
N SER A 167 -12.20 -28.34 5.10
CA SER A 167 -13.12 -28.05 6.25
C SER A 167 -13.85 -26.71 6.07
N LYS A 168 -13.07 -25.63 5.87
CA LYS A 168 -13.53 -24.25 5.92
C LYS A 168 -12.34 -23.35 5.59
N PRO A 169 -12.49 -21.99 5.55
CA PRO A 169 -11.37 -21.07 5.40
C PRO A 169 -10.36 -21.29 6.53
N ASP A 170 -9.09 -21.07 6.19
CA ASP A 170 -8.00 -21.24 7.12
C ASP A 170 -7.87 -19.95 7.94
N LEU A 171 -8.82 -19.76 8.87
CA LEU A 171 -9.03 -18.49 9.56
C LEU A 171 -9.41 -18.68 11.04
N SER A 172 -8.75 -17.93 11.93
CA SER A 172 -9.00 -17.96 13.36
C SER A 172 -8.90 -16.55 13.94
N LEU A 173 -8.86 -16.45 15.28
CA LEU A 173 -8.99 -15.18 16.01
C LEU A 173 -7.68 -14.83 16.69
N GLN A 174 -7.25 -13.57 16.55
CA GLN A 174 -6.15 -13.11 17.36
C GLN A 174 -6.59 -11.86 18.13
N LEU A 175 -6.08 -11.69 19.36
CA LEU A 175 -6.22 -10.50 20.18
C LEU A 175 -4.85 -9.85 20.40
N ILE A 176 -4.77 -8.52 20.36
CA ILE A 176 -3.49 -7.88 20.68
C ILE A 176 -3.73 -6.73 21.64
N PHE A 177 -2.99 -6.76 22.75
CA PHE A 177 -2.93 -5.66 23.70
C PHE A 177 -1.56 -4.98 23.60
N PHE A 178 -1.55 -3.79 22.96
CA PHE A 178 -0.34 -3.04 22.71
C PHE A 178 0.10 -2.30 23.96
N ASP A 179 1.41 -2.17 24.12
CA ASP A 179 2.05 -1.40 25.17
C ASP A 179 2.65 -0.17 24.50
N GLY A 180 2.87 0.89 25.27
CA GLY A 180 3.66 2.02 24.80
C GLY A 180 2.97 2.85 23.72
N GLU A 181 1.64 2.74 23.64
CA GLU A 181 0.84 3.46 22.67
C GLU A 181 0.96 4.97 22.92
N GLU A 182 0.81 5.37 24.20
CA GLU A 182 0.82 6.78 24.57
C GLU A 182 2.24 7.34 24.56
N ALA A 183 2.32 8.65 24.28
CA ALA A 183 3.55 9.43 24.38
C ALA A 183 3.91 9.66 25.86
N PHE A 184 5.21 9.87 26.11
CA PHE A 184 5.75 10.21 27.41
C PHE A 184 5.64 11.73 27.61
N LEU A 185 6.16 12.46 26.63
CA LEU A 185 6.10 13.92 26.60
C LEU A 185 5.05 14.32 25.57
N HIS A 186 5.44 15.18 24.62
CA HIS A 186 4.55 15.65 23.57
C HIS A 186 4.60 14.71 22.35
N TRP A 187 3.40 14.30 21.89
CA TRP A 187 3.23 13.26 20.87
C TRP A 187 4.01 13.56 19.60
N SER A 188 4.72 12.54 19.11
CA SER A 188 5.62 12.65 17.99
C SER A 188 5.84 11.27 17.38
N PRO A 189 6.37 11.16 16.14
CA PRO A 189 6.53 9.86 15.50
C PRO A 189 7.41 8.91 16.32
N GLN A 190 8.35 9.46 17.10
CA GLN A 190 9.37 8.71 17.82
C GLN A 190 9.00 8.54 19.29
N ASP A 191 8.05 9.34 19.77
CA ASP A 191 7.53 9.25 21.12
C ASP A 191 6.05 8.84 21.16
N SER A 192 5.74 7.63 20.71
CA SER A 192 4.38 7.11 20.70
C SER A 192 4.45 5.78 19.97
N LEU A 193 3.33 5.02 20.03
CA LEU A 193 3.15 3.81 19.25
C LEU A 193 4.35 2.87 19.35
N TYR A 194 5.00 2.82 20.52
CA TYR A 194 6.20 2.03 20.73
C TYR A 194 5.94 0.56 20.47
N GLY A 195 4.84 0.07 21.07
CA GLY A 195 4.38 -1.31 20.94
C GLY A 195 4.07 -1.66 19.50
N SER A 196 3.08 -0.95 18.92
CA SER A 196 2.61 -1.18 17.57
C SER A 196 3.73 -1.07 16.54
N ARG A 197 4.53 0.00 16.61
CA ARG A 197 5.65 0.17 15.69
C ARG A 197 6.62 -1.01 15.75
N HIS A 198 6.87 -1.56 16.95
CA HIS A 198 7.79 -2.67 17.12
C HIS A 198 7.23 -3.92 16.45
N LEU A 199 5.98 -4.24 16.82
CA LEU A 199 5.34 -5.51 16.52
C LEU A 199 5.01 -5.60 15.04
N ALA A 200 4.51 -4.50 14.45
CA ALA A 200 4.21 -4.45 13.03
C ALA A 200 5.49 -4.70 12.22
N ALA A 201 6.61 -4.09 12.62
CA ALA A 201 7.91 -4.34 12.00
C ALA A 201 8.29 -5.81 12.14
N LYS A 202 8.07 -6.37 13.34
CA LYS A 202 8.40 -7.77 13.58
C LYS A 202 7.57 -8.64 12.64
N MET A 203 6.24 -8.41 12.61
CA MET A 203 5.34 -9.23 11.82
C MET A 203 5.70 -9.11 10.34
N ALA A 204 6.15 -7.92 9.94
CA ALA A 204 6.54 -7.67 8.55
C ALA A 204 7.65 -8.60 8.07
N SER A 205 8.56 -8.98 8.96
CA SER A 205 9.71 -9.74 8.52
C SER A 205 9.62 -11.21 8.94
N THR A 206 8.49 -11.57 9.54
CA THR A 206 8.33 -12.92 10.03
C THR A 206 7.55 -13.70 8.98
N PRO A 207 8.14 -14.76 8.37
CA PRO A 207 7.38 -15.63 7.46
C PRO A 207 6.11 -16.19 8.10
N HIS A 208 5.05 -16.26 7.29
CA HIS A 208 3.80 -16.92 7.66
C HIS A 208 3.11 -17.42 6.39
N PRO A 209 2.64 -18.71 6.34
CA PRO A 209 2.85 -19.67 7.44
C PRO A 209 4.34 -19.95 7.58
N PRO A 210 4.77 -20.61 8.69
CA PRO A 210 6.15 -21.08 8.82
C PRO A 210 6.62 -21.74 7.52
N GLY A 211 7.78 -21.26 7.05
CA GLY A 211 8.47 -21.83 5.92
C GLY A 211 7.97 -21.31 4.58
N ALA A 212 7.12 -20.27 4.57
CA ALA A 212 6.65 -19.75 3.29
C ALA A 212 7.70 -18.85 2.65
N ARG A 213 7.55 -18.64 1.35
CA ARG A 213 8.32 -17.66 0.60
C ARG A 213 7.40 -16.44 0.42
N GLY A 214 8.00 -15.26 0.35
CA GLY A 214 7.20 -14.08 0.05
C GLY A 214 6.31 -13.62 1.20
N THR A 215 5.43 -14.49 1.72
CA THR A 215 4.39 -14.06 2.65
C THR A 215 4.89 -13.90 4.09
N SER A 216 4.39 -12.83 4.75
CA SER A 216 4.70 -12.44 6.12
C SER A 216 3.46 -12.60 6.99
N GLN A 217 3.63 -12.43 8.31
CA GLN A 217 2.49 -12.47 9.22
C GLN A 217 1.50 -11.34 8.89
N LEU A 218 1.99 -10.26 8.27
CA LEU A 218 1.07 -9.17 7.97
C LEU A 218 0.10 -9.54 6.85
N HIS A 219 0.52 -10.46 5.95
CA HIS A 219 -0.38 -10.97 4.93
C HIS A 219 -1.49 -11.77 5.62
N GLY A 220 -1.19 -12.33 6.80
CA GLY A 220 -2.12 -13.22 7.48
C GLY A 220 -3.20 -12.46 8.26
N MET A 221 -2.97 -11.15 8.47
CA MET A 221 -3.92 -10.26 9.10
C MET A 221 -5.02 -9.91 8.09
N ASP A 222 -6.21 -10.48 8.33
CA ASP A 222 -7.38 -10.31 7.48
C ASP A 222 -8.00 -8.94 7.68
N LEU A 223 -8.05 -8.47 8.93
CA LEU A 223 -8.59 -7.17 9.29
C LEU A 223 -8.16 -6.83 10.72
N LEU A 224 -7.47 -5.69 10.87
CA LEU A 224 -7.13 -5.21 12.20
C LEU A 224 -8.30 -4.38 12.71
N VAL A 225 -9.01 -4.92 13.71
CA VAL A 225 -10.07 -4.17 14.38
C VAL A 225 -9.47 -3.54 15.64
N LEU A 226 -9.23 -2.22 15.61
CA LEU A 226 -8.61 -1.54 16.74
C LEU A 226 -9.66 -0.80 17.56
N LEU A 227 -9.85 -1.21 18.82
CA LEU A 227 -10.73 -0.50 19.74
C LEU A 227 -9.98 0.61 20.47
N ASP A 228 -10.59 1.79 20.61
CA ASP A 228 -9.90 2.85 21.32
C ASP A 228 -10.86 3.94 21.74
N LEU A 229 -10.76 4.36 23.02
CA LEU A 229 -11.45 5.54 23.54
C LEU A 229 -12.92 5.20 23.66
N ILE A 230 -13.19 4.00 24.16
CA ILE A 230 -14.56 3.50 24.20
C ILE A 230 -15.01 3.50 25.66
N GLY A 231 -16.17 4.10 25.90
CA GLY A 231 -16.68 4.14 27.26
C GLY A 231 -17.58 5.32 27.56
N ALA A 232 -17.48 6.41 26.75
CA ALA A 232 -18.24 7.65 26.95
C ALA A 232 -19.69 7.47 26.47
N PRO A 233 -20.67 8.24 27.02
CA PRO A 233 -22.03 8.23 26.46
C PRO A 233 -22.08 8.70 25.00
N ASN A 234 -23.13 8.27 24.29
CA ASN A 234 -23.36 8.53 22.87
C ASN A 234 -22.07 8.69 22.08
N PRO A 235 -21.24 7.63 21.89
CA PRO A 235 -20.10 7.72 20.99
C PRO A 235 -20.58 7.77 19.53
N THR A 236 -19.80 8.40 18.66
CA THR A 236 -20.12 8.29 17.25
C THR A 236 -18.85 7.89 16.50
N PHE A 237 -18.90 6.73 15.81
CA PHE A 237 -17.76 6.26 15.03
C PHE A 237 -18.03 6.56 13.57
N PRO A 238 -17.09 7.27 12.90
CA PRO A 238 -17.17 7.47 11.46
C PRO A 238 -16.58 6.24 10.79
N ASN A 239 -16.94 6.07 9.51
CA ASN A 239 -16.41 4.96 8.73
C ASN A 239 -15.17 5.50 8.04
N PHE A 240 -13.98 5.16 8.56
CA PHE A 240 -12.79 5.92 8.19
C PHE A 240 -12.19 5.52 6.84
N PHE A 241 -12.32 4.25 6.46
CA PHE A 241 -11.47 3.66 5.44
C PHE A 241 -12.27 2.85 4.39
N PRO A 242 -12.17 3.22 3.09
CA PRO A 242 -12.89 2.53 2.02
C PRO A 242 -12.65 1.02 1.99
N ASN A 243 -11.40 0.59 2.21
CA ASN A 243 -11.06 -0.81 2.10
C ASN A 243 -11.58 -1.64 3.29
N SER A 244 -12.18 -0.98 4.28
CA SER A 244 -12.84 -1.69 5.37
C SER A 244 -14.33 -1.30 5.48
N ALA A 245 -14.76 -0.37 4.61
CA ALA A 245 -16.07 0.24 4.73
C ALA A 245 -17.17 -0.83 4.72
N ARG A 246 -16.96 -1.94 3.96
CA ARG A 246 -17.97 -2.99 3.88
C ARG A 246 -18.14 -3.62 5.25
N TRP A 247 -17.04 -3.74 6.01
CA TRP A 247 -17.08 -4.31 7.34
C TRP A 247 -17.72 -3.31 8.31
N PHE A 248 -17.43 -2.02 8.12
CA PHE A 248 -18.08 -1.00 8.96
C PHE A 248 -19.60 -1.07 8.80
N GLU A 249 -20.08 -1.36 7.58
CA GLU A 249 -21.50 -1.47 7.29
C GLU A 249 -22.09 -2.65 8.05
N ARG A 250 -21.29 -3.71 8.19
CA ARG A 250 -21.74 -4.82 9.02
C ARG A 250 -22.05 -4.30 10.43
N LEU A 251 -21.13 -3.52 11.01
CA LEU A 251 -21.37 -3.09 12.38
C LEU A 251 -22.63 -2.24 12.45
N GLN A 252 -22.91 -1.46 11.38
CA GLN A 252 -24.09 -0.62 11.38
C GLN A 252 -25.31 -1.51 11.22
N ALA A 253 -25.17 -2.66 10.54
CA ALA A 253 -26.33 -3.48 10.29
C ALA A 253 -26.64 -4.28 11.55
N ILE A 254 -25.57 -4.81 12.16
CA ILE A 254 -25.69 -5.42 13.47
C ILE A 254 -26.35 -4.45 14.46
N GLU A 255 -25.76 -3.25 14.64
CA GLU A 255 -26.34 -2.27 15.56
C GLU A 255 -27.84 -2.12 15.32
N HIS A 256 -28.24 -2.05 14.05
CA HIS A 256 -29.61 -1.75 13.65
C HIS A 256 -30.53 -2.92 14.05
N GLU A 257 -30.10 -4.13 13.70
CA GLU A 257 -30.88 -5.34 13.94
C GLU A 257 -31.02 -5.59 15.44
N LEU A 258 -29.94 -5.41 16.21
CA LEU A 258 -30.01 -5.62 17.65
C LEU A 258 -31.02 -4.66 18.29
N HIS A 259 -31.03 -3.42 17.80
CA HIS A 259 -31.94 -2.39 18.29
C HIS A 259 -33.38 -2.78 17.98
N GLU A 260 -33.64 -3.29 16.78
CA GLU A 260 -35.00 -3.56 16.33
C GLU A 260 -35.51 -4.78 17.08
N LEU A 261 -34.60 -5.61 17.57
CA LEU A 261 -35.02 -6.84 18.21
C LEU A 261 -35.23 -6.62 19.70
N GLY A 262 -34.89 -5.43 20.20
CA GLY A 262 -35.09 -5.05 21.60
C GLY A 262 -33.98 -5.58 22.51
N LEU A 263 -32.77 -5.76 21.96
CA LEU A 263 -31.67 -6.39 22.69
C LEU A 263 -30.59 -5.37 23.02
N LEU A 264 -30.84 -4.09 22.69
CA LEU A 264 -29.96 -3.06 23.22
C LEU A 264 -30.63 -2.38 24.41
N LYS A 265 -29.86 -1.58 25.16
CA LYS A 265 -30.41 -0.84 26.30
C LYS A 265 -30.10 0.65 26.10
N ASP A 266 -31.08 1.50 26.46
CA ASP A 266 -31.05 2.93 26.25
C ASP A 266 -30.39 3.25 24.91
N HIS A 267 -30.97 2.69 23.84
CA HIS A 267 -30.49 2.89 22.48
C HIS A 267 -31.63 3.43 21.62
N SER A 268 -31.34 4.52 20.90
CA SER A 268 -32.25 5.00 19.87
C SER A 268 -31.49 5.06 18.55
N LEU A 269 -32.21 4.80 17.46
CA LEU A 269 -31.64 4.88 16.13
C LEU A 269 -31.01 6.26 15.94
N GLU A 270 -31.67 7.29 16.50
CA GLU A 270 -31.18 8.66 16.36
C GLU A 270 -29.82 8.85 17.03
N GLY A 271 -29.64 8.34 18.26
CA GLY A 271 -28.30 8.25 18.84
C GLY A 271 -27.63 6.90 18.59
N ARG A 272 -27.44 6.52 17.32
CA ARG A 272 -26.71 5.31 16.94
C ARG A 272 -25.22 5.61 16.84
N TYR A 273 -24.40 4.55 16.89
CA TYR A 273 -22.98 4.73 17.16
C TYR A 273 -22.19 4.81 15.85
N PHE A 274 -22.58 3.97 14.88
CA PHE A 274 -21.82 3.80 13.66
C PHE A 274 -22.48 4.58 12.53
N GLN A 275 -21.70 5.53 11.99
CA GLN A 275 -22.20 6.63 11.18
C GLN A 275 -21.97 6.37 9.69
N ASN A 276 -22.69 7.12 8.84
CA ASN A 276 -22.54 6.97 7.40
C ASN A 276 -21.29 7.70 6.93
N TYR A 277 -20.87 8.71 7.69
CA TYR A 277 -19.89 9.64 7.17
C TYR A 277 -18.50 9.20 7.57
N SER A 278 -17.50 9.89 7.01
CA SER A 278 -16.12 9.56 7.27
C SER A 278 -15.45 10.67 8.10
N TYR A 279 -14.16 10.89 7.91
CA TYR A 279 -13.45 11.82 8.77
C TYR A 279 -12.40 12.52 7.93
N GLY A 280 -12.19 13.81 8.22
CA GLY A 280 -11.34 14.66 7.41
C GLY A 280 -9.86 14.37 7.61
N GLY A 281 -9.36 14.61 8.83
CA GLY A 281 -7.96 14.45 9.16
C GLY A 281 -7.51 12.99 9.28
N VAL A 282 -6.29 12.80 9.80
CA VAL A 282 -5.68 11.47 9.91
C VAL A 282 -5.29 11.19 11.37
N ILE A 283 -6.04 10.29 12.01
CA ILE A 283 -5.84 9.90 13.40
C ILE A 283 -4.64 8.95 13.53
N GLN A 284 -3.61 9.39 14.26
CA GLN A 284 -2.49 8.55 14.65
C GLN A 284 -2.94 7.68 15.82
N ASP A 285 -2.61 6.38 15.75
CA ASP A 285 -2.99 5.33 16.69
C ASP A 285 -2.26 4.05 16.29
N ASP A 286 -2.51 2.94 17.01
CA ASP A 286 -1.68 1.75 16.89
C ASP A 286 -1.86 1.10 15.51
N HIS A 287 -2.93 1.42 14.79
CA HIS A 287 -3.14 0.87 13.45
C HIS A 287 -2.10 1.40 12.47
N ILE A 288 -1.56 2.59 12.75
CA ILE A 288 -0.81 3.32 11.75
C ILE A 288 0.29 2.45 11.13
N PRO A 289 1.16 1.79 11.94
CA PRO A 289 2.25 0.98 11.41
C PRO A 289 1.77 -0.25 10.61
N PHE A 290 0.51 -0.66 10.84
CA PHE A 290 -0.10 -1.75 10.11
C PHE A 290 -0.67 -1.24 8.78
N LEU A 291 -1.47 -0.16 8.85
CA LEU A 291 -2.08 0.45 7.68
C LEU A 291 -1.03 0.81 6.64
N ARG A 292 0.07 1.46 7.04
CA ARG A 292 1.06 1.91 6.07
C ARG A 292 1.81 0.75 5.38
N ARG A 293 1.59 -0.50 5.84
CA ARG A 293 2.16 -1.68 5.22
C ARG A 293 1.04 -2.49 4.56
N GLY A 294 -0.19 -1.98 4.64
CA GLY A 294 -1.25 -2.42 3.74
C GLY A 294 -2.32 -3.27 4.42
N VAL A 295 -2.27 -3.38 5.74
CA VAL A 295 -3.29 -4.14 6.45
C VAL A 295 -4.62 -3.37 6.42
N PRO A 296 -5.74 -4.02 6.03
CA PRO A 296 -7.09 -3.48 6.29
C PRO A 296 -7.32 -3.16 7.77
N VAL A 297 -7.74 -1.92 8.06
CA VAL A 297 -8.01 -1.41 9.40
C VAL A 297 -9.49 -1.08 9.49
N LEU A 298 -10.11 -1.54 10.58
CA LEU A 298 -11.43 -1.09 10.98
C LEU A 298 -11.25 -0.36 12.32
N HIS A 299 -11.12 0.98 12.26
CA HIS A 299 -10.67 1.74 13.41
C HIS A 299 -11.85 2.18 14.29
N LEU A 300 -12.11 1.43 15.36
CA LEU A 300 -13.22 1.77 16.23
C LEU A 300 -12.73 2.67 17.35
N ILE A 301 -12.48 3.92 16.94
CA ILE A 301 -12.24 5.10 17.76
C ILE A 301 -13.38 6.03 17.40
N PRO A 302 -14.03 6.74 18.36
CA PRO A 302 -15.01 7.81 18.05
C PRO A 302 -14.46 9.19 17.68
N SER A 303 -15.24 9.90 16.85
CA SER A 303 -15.03 11.27 16.45
C SER A 303 -16.35 11.99 16.73
N PRO A 304 -16.40 12.91 17.73
CA PRO A 304 -15.23 13.29 18.54
C PRO A 304 -14.77 12.27 19.60
N PHE A 305 -13.56 12.46 20.12
CA PHE A 305 -13.12 11.74 21.31
C PHE A 305 -13.99 12.09 22.52
N PRO A 306 -14.06 11.20 23.55
CA PRO A 306 -14.82 11.50 24.76
C PRO A 306 -14.32 12.82 25.34
N GLU A 307 -15.24 13.62 25.85
CA GLU A 307 -14.92 14.89 26.51
C GLU A 307 -13.75 14.75 27.49
N VAL A 308 -13.68 13.58 28.14
CA VAL A 308 -12.77 13.36 29.27
C VAL A 308 -11.37 13.05 28.74
N TRP A 309 -11.19 13.14 27.43
CA TRP A 309 -9.93 12.77 26.80
C TRP A 309 -8.72 13.41 27.50
N HIS A 310 -7.86 12.57 28.08
CA HIS A 310 -6.57 13.00 28.61
C HIS A 310 -6.78 13.96 29.77
N THR A 311 -7.72 13.53 30.63
CA THR A 311 -8.29 14.27 31.72
C THR A 311 -8.42 13.31 32.90
N MET A 312 -8.31 13.85 34.12
CA MET A 312 -8.40 13.08 35.35
C MET A 312 -9.80 12.48 35.48
N ASP A 313 -10.79 13.10 34.81
CA ASP A 313 -12.14 12.55 34.72
C ASP A 313 -12.21 11.31 33.80
N ASP A 314 -11.15 11.01 33.04
CA ASP A 314 -11.23 9.76 32.29
C ASP A 314 -11.19 8.61 33.27
N ASN A 315 -12.35 8.29 33.82
CA ASN A 315 -12.47 7.45 35.00
C ASN A 315 -13.79 6.70 34.89
N GLU A 316 -14.12 6.02 35.99
CA GLU A 316 -15.17 5.01 36.00
C GLU A 316 -16.54 5.68 36.10
N GLU A 317 -16.68 6.61 37.05
CA GLU A 317 -17.94 7.29 37.26
C GLU A 317 -18.49 7.76 35.90
N ASN A 318 -17.56 8.12 35.01
CA ASN A 318 -17.85 8.81 33.77
C ASN A 318 -18.07 7.82 32.62
N LEU A 319 -17.84 6.52 32.87
CA LEU A 319 -18.20 5.47 31.94
C LEU A 319 -19.72 5.33 31.90
N ASP A 320 -20.24 4.74 30.81
CA ASP A 320 -21.66 4.49 30.65
C ASP A 320 -21.87 2.99 30.37
N GLU A 321 -22.22 2.26 31.42
CA GLU A 321 -22.41 0.82 31.40
C GLU A 321 -23.13 0.39 30.13
N SER A 322 -24.23 1.08 29.80
CA SER A 322 -25.15 0.56 28.79
C SER A 322 -24.52 0.56 27.40
N THR A 323 -23.96 1.73 26.99
CA THR A 323 -23.09 1.90 25.84
C THR A 323 -22.05 0.78 25.69
N ILE A 324 -21.40 0.39 26.79
CA ILE A 324 -20.35 -0.63 26.70
C ILE A 324 -21.00 -1.98 26.42
N ASP A 325 -22.06 -2.29 27.19
CA ASP A 325 -22.87 -3.48 26.99
C ASP A 325 -23.33 -3.56 25.53
N ASN A 326 -24.00 -2.51 25.03
CA ASN A 326 -24.47 -2.43 23.65
C ASN A 326 -23.31 -2.71 22.69
N LEU A 327 -22.13 -2.12 22.93
CA LEU A 327 -21.01 -2.27 22.01
C LEU A 327 -20.42 -3.68 22.13
N ASN A 328 -20.45 -4.26 23.33
CA ASN A 328 -20.05 -5.65 23.52
C ASN A 328 -20.86 -6.56 22.59
N LYS A 329 -22.20 -6.41 22.63
CA LYS A 329 -23.13 -7.24 21.87
C LYS A 329 -22.82 -7.16 20.37
N ILE A 330 -22.70 -5.93 19.88
CA ILE A 330 -22.43 -5.64 18.48
C ILE A 330 -21.10 -6.28 18.05
N LEU A 331 -20.05 -6.19 18.90
CA LEU A 331 -18.72 -6.65 18.54
C LEU A 331 -18.70 -8.16 18.51
N GLN A 332 -19.33 -8.77 19.53
CA GLN A 332 -19.38 -10.23 19.64
C GLN A 332 -20.06 -10.82 18.41
N VAL A 333 -21.23 -10.26 18.03
CA VAL A 333 -21.94 -10.67 16.83
C VAL A 333 -21.08 -10.48 15.59
N PHE A 334 -20.45 -9.31 15.48
CA PHE A 334 -19.56 -9.13 14.35
C PHE A 334 -18.56 -10.28 14.30
N VAL A 335 -17.91 -10.59 15.44
CA VAL A 335 -16.80 -11.53 15.42
C VAL A 335 -17.25 -12.93 15.03
N LEU A 336 -18.38 -13.38 15.62
CA LEU A 336 -18.98 -14.66 15.28
C LEU A 336 -19.23 -14.77 13.77
N GLU A 337 -19.77 -13.70 13.17
CA GLU A 337 -20.16 -13.75 11.77
C GLU A 337 -18.91 -13.69 10.90
N TYR A 338 -17.90 -12.94 11.33
CA TYR A 338 -16.69 -12.91 10.56
C TYR A 338 -16.05 -14.29 10.56
N LEU A 339 -16.01 -14.97 11.72
CA LEU A 339 -15.35 -16.27 11.80
C LEU A 339 -16.31 -17.39 11.40
N HIS A 340 -17.58 -17.05 11.15
CA HIS A 340 -18.56 -18.04 10.73
C HIS A 340 -18.85 -19.01 11.88
N LEU A 341 -19.05 -18.47 13.09
CA LEU A 341 -19.31 -19.29 14.27
C LEU A 341 -20.70 -19.04 14.86
N SER B 14 21.44 17.36 26.13
CA SER B 14 21.62 18.84 26.01
C SER B 14 21.27 19.30 24.58
N ALA B 15 22.16 20.09 23.96
CA ALA B 15 21.96 20.51 22.59
C ALA B 15 23.09 20.00 21.70
N TRP B 16 23.79 18.96 22.17
CA TRP B 16 24.89 18.32 21.44
C TRP B 16 24.41 17.74 20.11
N PRO B 17 23.15 17.26 20.00
CA PRO B 17 22.60 16.87 18.71
C PRO B 17 22.41 17.98 17.67
N GLU B 18 22.62 19.24 18.07
CA GLU B 18 22.49 20.40 17.17
C GLU B 18 23.86 20.81 16.67
N GLU B 19 24.92 20.27 17.28
CA GLU B 19 26.29 20.64 17.00
C GLU B 19 26.66 20.34 15.55
N LYS B 20 25.98 19.39 14.90
CA LYS B 20 26.28 19.04 13.51
C LYS B 20 25.91 20.20 12.59
N ASN B 21 24.89 20.99 13.01
CA ASN B 21 24.37 22.14 12.28
C ASN B 21 25.43 23.23 12.20
N TYR B 22 26.34 23.25 13.18
CA TYR B 22 27.27 24.37 13.32
C TYR B 22 28.67 23.95 12.92
N HIS B 23 28.82 22.63 12.68
CA HIS B 23 30.12 22.01 12.42
C HIS B 23 30.75 22.62 11.18
N GLN B 24 32.02 23.05 11.33
CA GLN B 24 32.83 23.61 10.26
C GLN B 24 33.95 22.63 9.93
N PRO B 25 34.45 22.57 8.68
CA PRO B 25 35.65 21.79 8.39
C PRO B 25 36.86 22.67 8.68
N ALA B 26 37.90 22.02 9.19
CA ALA B 26 39.25 22.57 9.25
C ALA B 26 39.89 22.27 7.90
N ILE B 27 40.24 23.30 7.14
CA ILE B 27 40.56 23.20 5.73
C ILE B 27 42.07 23.05 5.49
N LEU B 28 42.41 22.15 4.58
CA LEU B 28 43.80 21.75 4.38
C LEU B 28 44.50 22.64 3.36
N ASN B 29 45.75 23.03 3.70
CA ASN B 29 46.64 23.77 2.81
C ASN B 29 47.14 22.90 1.66
N SER B 30 47.82 23.57 0.71
CA SER B 30 48.39 22.95 -0.47
C SER B 30 49.20 21.73 -0.10
N SER B 31 50.17 21.92 0.81
CA SER B 31 51.11 20.87 1.10
C SER B 31 50.41 19.65 1.68
N ALA B 32 49.35 19.87 2.47
CA ALA B 32 48.60 18.79 3.09
C ALA B 32 47.83 18.04 2.01
N LEU B 33 47.32 18.79 1.04
CA LEU B 33 46.62 18.21 -0.09
C LEU B 33 47.55 17.30 -0.87
N ARG B 34 48.78 17.79 -1.14
CA ARG B 34 49.76 16.98 -1.85
C ARG B 34 49.97 15.69 -1.06
N GLN B 35 50.08 15.82 0.27
CA GLN B 35 50.31 14.67 1.12
C GLN B 35 49.18 13.64 0.98
N ILE B 36 47.92 14.10 1.02
CA ILE B 36 46.81 13.17 0.97
C ILE B 36 46.81 12.51 -0.41
N ALA B 37 47.14 13.31 -1.44
CA ALA B 37 47.21 12.81 -2.81
C ALA B 37 48.17 11.62 -2.92
N GLU B 38 49.38 11.71 -2.32
CA GLU B 38 50.38 10.66 -2.39
C GLU B 38 49.91 9.42 -1.62
N GLY B 39 49.30 9.65 -0.46
CA GLY B 39 49.15 8.64 0.58
C GLY B 39 48.14 7.56 0.21
N THR B 40 47.43 7.79 -0.90
CA THR B 40 46.50 6.78 -1.41
C THR B 40 47.12 6.09 -2.60
N SER B 41 46.82 4.79 -2.74
CA SER B 41 47.37 3.98 -3.82
C SER B 41 46.22 3.23 -4.50
N ILE B 42 46.02 3.53 -5.78
CA ILE B 42 44.87 2.95 -6.45
C ILE B 42 45.16 1.50 -6.83
N SER B 43 46.43 1.20 -7.11
CA SER B 43 46.77 -0.14 -7.57
C SER B 43 46.68 -1.09 -6.38
N GLU B 44 47.01 -0.55 -5.21
CA GLU B 44 47.04 -1.30 -3.96
C GLU B 44 45.60 -1.60 -3.53
N MET B 45 44.70 -0.63 -3.76
CA MET B 45 43.29 -0.84 -3.43
C MET B 45 42.79 -1.90 -4.40
N TRP B 46 43.23 -1.75 -5.64
CA TRP B 46 42.68 -2.58 -6.69
C TRP B 46 42.96 -4.03 -6.34
N GLN B 47 44.25 -4.31 -6.11
CA GLN B 47 44.69 -5.65 -5.81
C GLN B 47 44.17 -6.10 -4.45
N ASN B 48 44.34 -5.26 -3.41
CA ASN B 48 44.15 -5.69 -2.03
C ASN B 48 42.71 -5.51 -1.53
N ASP B 49 41.97 -4.55 -2.11
CA ASP B 49 40.65 -4.18 -1.59
C ASP B 49 39.53 -4.49 -2.57
N LEU B 50 39.72 -4.14 -3.84
CA LEU B 50 38.65 -4.32 -4.81
C LEU B 50 38.53 -5.78 -5.23
N GLN B 51 39.57 -6.32 -5.85
CA GLN B 51 39.47 -7.59 -6.56
C GLN B 51 38.80 -8.69 -5.73
N PRO B 52 39.19 -8.93 -4.45
CA PRO B 52 38.55 -9.98 -3.63
C PRO B 52 37.03 -9.92 -3.53
N LEU B 53 36.45 -8.76 -3.87
CA LEU B 53 35.04 -8.47 -3.67
C LEU B 53 34.24 -8.70 -4.95
N LEU B 54 34.96 -8.83 -6.07
CA LEU B 54 34.37 -8.99 -7.39
C LEU B 54 33.94 -10.46 -7.61
N ILE B 55 32.99 -10.87 -6.78
CA ILE B 55 32.40 -12.19 -6.75
C ILE B 55 30.93 -12.00 -6.40
N GLU B 56 30.12 -12.97 -6.84
CA GLU B 56 28.73 -13.10 -6.50
C GLU B 56 28.60 -13.19 -4.97
N ARG B 57 27.87 -12.23 -4.38
CA ARG B 57 27.82 -12.07 -2.93
C ARG B 57 26.42 -11.68 -2.48
N TYR B 58 25.40 -12.30 -3.09
CA TYR B 58 24.04 -12.09 -2.65
C TYR B 58 23.88 -12.68 -1.25
N PRO B 59 22.88 -12.26 -0.47
CA PRO B 59 22.73 -12.79 0.90
C PRO B 59 22.76 -14.32 0.98
N GLY B 60 23.66 -14.85 1.81
CA GLY B 60 23.64 -16.27 2.16
C GLY B 60 24.52 -17.14 1.27
N SER B 61 24.87 -16.62 0.08
CA SER B 61 25.84 -17.24 -0.80
C SER B 61 27.19 -17.41 -0.09
N PRO B 62 28.09 -18.27 -0.60
CA PRO B 62 29.47 -18.27 -0.15
C PRO B 62 30.10 -16.89 -0.27
N GLY B 63 29.73 -16.17 -1.32
CA GLY B 63 30.39 -14.91 -1.59
C GLY B 63 30.04 -13.89 -0.51
N SER B 64 28.84 -14.02 0.04
CA SER B 64 28.39 -13.12 1.08
C SER B 64 29.35 -13.22 2.27
N TYR B 65 29.67 -14.47 2.66
CA TYR B 65 30.47 -14.86 3.82
C TYR B 65 31.92 -14.43 3.66
N ALA B 66 32.46 -14.69 2.47
CA ALA B 66 33.80 -14.28 2.05
C ALA B 66 33.91 -12.76 2.04
N ALA B 67 32.85 -12.11 1.53
CA ALA B 67 32.86 -10.66 1.39
C ALA B 67 33.01 -10.04 2.77
N ARG B 68 32.21 -10.53 3.73
CA ARG B 68 32.29 -10.16 5.13
C ARG B 68 33.69 -10.39 5.69
N GLN B 69 34.17 -11.63 5.57
CA GLN B 69 35.47 -12.01 6.10
C GLN B 69 36.51 -10.99 5.67
N HIS B 70 36.53 -10.67 4.37
CA HIS B 70 37.50 -9.80 3.73
C HIS B 70 37.39 -8.37 4.26
N ILE B 71 36.18 -7.96 4.60
CA ILE B 71 35.97 -6.59 5.01
C ILE B 71 36.56 -6.40 6.42
N MET B 72 36.20 -7.31 7.33
CA MET B 72 36.72 -7.27 8.68
C MET B 72 38.23 -7.47 8.70
N GLN B 73 38.73 -8.47 7.96
CA GLN B 73 40.16 -8.72 7.80
C GLN B 73 40.89 -7.41 7.46
N ARG B 74 40.42 -6.68 6.43
CA ARG B 74 41.09 -5.47 5.97
C ARG B 74 41.08 -4.38 7.03
N ILE B 75 39.99 -4.27 7.81
CA ILE B 75 39.95 -3.28 8.88
C ILE B 75 40.78 -3.74 10.09
N GLN B 76 40.75 -5.04 10.40
CA GLN B 76 41.36 -5.55 11.62
C GLN B 76 42.87 -5.34 11.59
N ARG B 77 43.45 -5.35 10.39
CA ARG B 77 44.88 -5.24 10.22
C ARG B 77 45.36 -3.81 10.46
N LEU B 78 44.44 -2.86 10.60
CA LEU B 78 44.87 -1.48 10.70
C LEU B 78 45.14 -1.11 12.17
N GLN B 79 46.00 -0.07 12.34
CA GLN B 79 46.45 0.44 13.63
C GLN B 79 45.34 1.13 14.40
N ALA B 80 44.50 1.91 13.71
CA ALA B 80 43.41 2.65 14.33
C ALA B 80 42.48 1.69 15.05
N ASP B 81 41.90 2.16 16.16
CA ASP B 81 41.18 1.34 17.11
C ASP B 81 39.78 0.98 16.63
N TRP B 82 39.67 0.41 15.42
CA TRP B 82 38.34 0.12 14.92
C TRP B 82 37.65 -0.92 15.79
N VAL B 83 36.37 -0.71 16.10
CA VAL B 83 35.57 -1.71 16.79
C VAL B 83 34.56 -2.28 15.80
N LEU B 84 34.63 -3.56 15.51
CA LEU B 84 33.73 -4.11 14.50
C LEU B 84 32.50 -4.72 15.16
N GLU B 85 31.40 -4.78 14.41
CA GLU B 85 30.15 -5.32 14.94
C GLU B 85 29.32 -5.91 13.79
N ILE B 86 28.81 -7.11 14.02
CA ILE B 86 27.93 -7.70 13.02
C ILE B 86 26.48 -7.51 13.46
N ASP B 87 25.83 -6.52 12.85
CA ASP B 87 24.39 -6.40 12.88
C ASP B 87 23.81 -7.50 11.99
N THR B 88 23.52 -8.65 12.60
CA THR B 88 22.99 -9.82 11.88
C THR B 88 21.52 -10.04 12.24
N PHE B 89 20.66 -10.36 11.26
CA PHE B 89 19.25 -10.61 11.55
C PHE B 89 18.59 -11.51 10.50
N LEU B 90 17.41 -12.05 10.84
CA LEU B 90 16.63 -12.88 9.94
C LEU B 90 15.52 -12.02 9.37
N SER B 91 15.09 -12.30 8.11
CA SER B 91 13.92 -11.63 7.57
C SER B 91 13.36 -12.35 6.35
N GLN B 92 12.02 -12.45 6.28
CA GLN B 92 11.27 -12.97 5.13
C GLN B 92 11.73 -12.28 3.85
N THR B 93 11.84 -13.04 2.76
CA THR B 93 12.09 -12.48 1.44
C THR B 93 11.24 -13.25 0.43
N PRO B 94 11.14 -12.78 -0.84
CA PRO B 94 10.44 -13.55 -1.88
C PRO B 94 10.96 -14.98 -2.07
N GLU B 95 12.19 -15.26 -1.62
CA GLU B 95 12.79 -16.61 -1.67
C GLU B 95 12.58 -17.36 -0.35
N GLY B 96 11.88 -16.76 0.61
CA GLY B 96 11.78 -17.32 1.95
C GLY B 96 12.81 -16.67 2.88
N GLU B 97 12.78 -17.04 4.16
CA GLU B 97 13.61 -16.37 5.15
C GLU B 97 15.08 -16.37 4.74
N ARG B 98 15.76 -15.25 4.99
CA ARG B 98 17.20 -15.18 4.83
C ARG B 98 17.83 -14.51 6.04
N SER B 99 19.13 -14.80 6.26
CA SER B 99 19.99 -14.08 7.19
C SER B 99 20.69 -12.94 6.47
N PHE B 100 20.72 -11.79 7.14
CA PHE B 100 21.42 -10.60 6.67
C PHE B 100 22.37 -10.16 7.78
N SER B 101 23.52 -9.57 7.38
CA SER B 101 24.56 -9.18 8.31
C SER B 101 25.21 -7.88 7.85
N ASN B 102 24.83 -6.78 8.51
CA ASN B 102 25.48 -5.50 8.30
C ASN B 102 26.82 -5.53 9.02
N ILE B 103 27.82 -4.87 8.43
CA ILE B 103 29.11 -4.74 9.06
C ILE B 103 29.23 -3.28 9.49
N ILE B 104 29.36 -3.03 10.80
CA ILE B 104 29.62 -1.69 11.28
C ILE B 104 31.06 -1.62 11.80
N SER B 105 31.79 -0.55 11.43
CA SER B 105 33.14 -0.36 11.94
C SER B 105 33.28 1.04 12.52
N THR B 106 33.54 1.14 13.84
CA THR B 106 33.44 2.42 14.55
C THR B 106 34.73 2.74 15.29
N LEU B 107 35.29 3.92 15.04
CA LEU B 107 36.24 4.52 15.98
C LEU B 107 35.44 5.24 17.07
N ASN B 108 35.99 5.24 18.30
CA ASN B 108 35.41 5.91 19.45
C ASN B 108 33.91 5.67 19.56
N PRO B 109 33.44 4.42 19.78
CA PRO B 109 32.01 4.12 19.80
C PRO B 109 31.16 4.93 20.76
N THR B 110 31.76 5.43 21.84
CA THR B 110 30.98 6.17 22.82
C THR B 110 31.08 7.69 22.62
N ALA B 111 31.81 8.13 21.60
CA ALA B 111 31.66 9.51 21.11
C ALA B 111 30.20 9.74 20.73
N LYS B 112 29.69 10.93 21.07
CA LYS B 112 28.27 11.25 20.87
C LYS B 112 27.99 11.42 19.37
N ARG B 113 29.02 11.85 18.63
CA ARG B 113 28.93 12.20 17.22
C ARG B 113 29.83 11.32 16.36
N HIS B 114 29.30 10.91 15.21
CA HIS B 114 30.04 10.24 14.15
C HIS B 114 29.56 10.72 12.79
N LEU B 115 30.55 11.14 11.99
CA LEU B 115 30.47 11.12 10.55
C LEU B 115 30.47 9.67 10.09
N VAL B 116 29.46 9.33 9.30
CA VAL B 116 29.21 7.95 8.90
C VAL B 116 29.36 7.83 7.38
N LEU B 117 30.40 7.07 6.92
CA LEU B 117 30.51 6.66 5.53
C LEU B 117 29.82 5.32 5.37
N ALA B 118 29.21 5.10 4.19
CA ALA B 118 28.43 3.90 4.00
C ALA B 118 28.32 3.48 2.54
N CYS B 119 27.94 2.21 2.35
CA CYS B 119 27.69 1.56 1.07
C CYS B 119 27.11 0.18 1.36
N HIS B 120 26.74 -0.54 0.30
CA HIS B 120 26.26 -1.91 0.42
C HIS B 120 27.30 -2.86 -0.20
N TYR B 121 27.53 -3.98 0.48
CA TYR B 121 28.54 -4.94 0.06
C TYR B 121 27.91 -6.11 -0.70
N ASP B 122 26.60 -6.38 -0.50
CA ASP B 122 25.88 -7.41 -1.24
C ASP B 122 25.83 -7.07 -2.74
N SER B 123 25.65 -8.11 -3.57
CA SER B 123 25.44 -7.94 -5.01
C SER B 123 24.09 -8.53 -5.41
N LYS B 124 23.49 -7.96 -6.47
CA LYS B 124 22.15 -8.34 -6.92
C LYS B 124 22.19 -9.73 -7.51
N TYR B 125 21.13 -10.52 -7.22
CA TYR B 125 20.99 -11.85 -7.81
C TYR B 125 20.50 -11.76 -9.25
N PHE B 126 21.25 -12.46 -10.12
CA PHE B 126 20.84 -12.78 -11.48
C PHE B 126 21.33 -14.20 -11.78
N SER B 127 20.57 -14.94 -12.60
CA SER B 127 20.95 -16.31 -12.90
C SER B 127 22.12 -16.38 -13.91
N ASN B 131 27.28 -16.94 -20.40
CA ASN B 131 27.68 -17.72 -19.20
C ASN B 131 28.40 -16.79 -18.21
N ARG B 132 27.69 -15.71 -17.85
CA ARG B 132 28.26 -14.64 -17.03
C ARG B 132 27.70 -14.68 -15.62
N VAL B 133 28.44 -14.07 -14.70
CA VAL B 133 28.02 -13.84 -13.32
C VAL B 133 27.93 -12.35 -13.06
N PHE B 134 26.99 -11.93 -12.20
CA PHE B 134 26.92 -10.51 -11.88
C PHE B 134 27.79 -10.20 -10.67
N VAL B 135 28.75 -9.30 -10.83
CA VAL B 135 29.62 -8.99 -9.70
C VAL B 135 29.43 -7.55 -9.21
N GLY B 136 28.63 -6.75 -9.93
CA GLY B 136 28.34 -5.40 -9.47
C GLY B 136 29.60 -4.66 -9.04
N ALA B 137 30.49 -4.36 -10.00
CA ALA B 137 31.75 -3.70 -9.71
C ALA B 137 31.46 -2.30 -9.15
N THR B 138 30.68 -1.51 -9.92
CA THR B 138 30.28 -0.18 -9.51
C THR B 138 29.26 -0.24 -8.37
N ASP B 139 28.60 -1.40 -8.22
CA ASP B 139 27.35 -1.52 -7.49
C ASP B 139 27.40 -2.76 -6.58
N SER B 140 28.23 -2.73 -5.52
CA SER B 140 28.97 -1.57 -5.02
C SER B 140 30.36 -2.00 -4.54
N ALA B 141 31.02 -2.88 -5.30
CA ALA B 141 32.33 -3.38 -4.91
C ALA B 141 33.35 -2.24 -4.83
N VAL B 142 33.25 -1.28 -5.76
CA VAL B 142 34.17 -0.15 -5.72
C VAL B 142 33.92 0.69 -4.47
N PRO B 143 32.65 1.06 -4.14
CA PRO B 143 32.33 1.70 -2.85
C PRO B 143 32.97 1.08 -1.59
N CYS B 144 32.94 -0.26 -1.51
CA CYS B 144 33.57 -1.02 -0.44
C CYS B 144 35.07 -0.75 -0.44
N ALA B 145 35.69 -0.97 -1.59
CA ALA B 145 37.13 -0.83 -1.73
C ALA B 145 37.55 0.57 -1.31
N MET B 146 36.80 1.59 -1.77
CA MET B 146 37.16 2.98 -1.55
C MET B 146 37.10 3.32 -0.06
N MET B 147 36.08 2.83 0.64
CA MET B 147 35.99 2.98 2.09
C MET B 147 37.18 2.28 2.78
N LEU B 148 37.52 1.06 2.31
CA LEU B 148 38.62 0.27 2.83
C LEU B 148 39.96 0.95 2.55
N GLU B 149 40.08 1.53 1.36
CA GLU B 149 41.31 2.25 1.02
C GLU B 149 41.40 3.54 1.86
N LEU B 150 40.24 4.12 2.22
CA LEU B 150 40.23 5.32 3.05
C LEU B 150 40.72 5.02 4.46
N ALA B 151 40.08 4.02 5.10
CA ALA B 151 40.60 3.40 6.31
C ALA B 151 42.13 3.29 6.25
N ARG B 152 42.64 2.70 5.16
CA ARG B 152 44.05 2.37 5.09
C ARG B 152 44.89 3.64 4.94
N ALA B 153 44.54 4.47 3.94
CA ALA B 153 45.39 5.60 3.57
C ALA B 153 45.46 6.61 4.72
N LEU B 154 44.41 6.66 5.56
CA LEU B 154 44.31 7.65 6.62
C LEU B 154 44.64 7.05 8.00
N ASP B 155 45.14 5.81 8.07
CA ASP B 155 45.29 5.07 9.32
C ASP B 155 46.01 5.86 10.40
N LYS B 156 47.20 6.39 10.10
CA LYS B 156 48.01 7.12 11.07
C LYS B 156 47.21 8.31 11.61
N LYS B 157 46.63 9.08 10.69
CA LYS B 157 45.86 10.25 11.07
C LYS B 157 44.69 9.81 11.95
N LEU B 158 43.96 8.78 11.53
CA LEU B 158 42.76 8.37 12.24
C LEU B 158 43.16 7.90 13.63
N LEU B 159 44.39 7.39 13.74
CA LEU B 159 44.87 6.70 14.93
C LEU B 159 44.92 7.68 16.09
N SER B 160 45.21 8.96 15.80
CA SER B 160 45.35 9.97 16.83
C SER B 160 44.01 10.22 17.52
N LEU B 161 42.89 9.89 16.87
CA LEU B 161 41.60 9.97 17.52
C LEU B 161 41.56 9.10 18.77
N LYS B 162 42.62 8.32 18.99
CA LYS B 162 42.72 7.47 20.18
C LYS B 162 42.90 8.37 21.40
N THR B 163 43.86 9.30 21.28
CA THR B 163 44.04 10.44 22.17
C THR B 163 42.72 11.22 22.30
N VAL B 164 42.41 11.64 23.54
CA VAL B 164 41.08 12.14 23.86
C VAL B 164 41.03 13.68 23.77
N PRO B 169 35.87 18.70 19.67
CA PRO B 169 34.54 18.15 19.43
C PRO B 169 34.50 16.63 19.64
N ASP B 170 33.37 16.19 20.22
CA ASP B 170 33.13 14.81 20.60
C ASP B 170 32.71 14.02 19.37
N LEU B 171 33.63 13.92 18.40
CA LEU B 171 33.27 13.44 17.08
C LEU B 171 34.34 12.52 16.51
N SER B 172 33.87 11.36 16.04
CA SER B 172 34.72 10.37 15.38
C SER B 172 34.03 9.83 14.13
N LEU B 173 34.55 8.69 13.63
CA LEU B 173 34.25 8.14 12.30
C LEU B 173 33.57 6.77 12.40
N GLN B 174 32.51 6.58 11.62
CA GLN B 174 31.89 5.28 11.54
C GLN B 174 31.86 4.84 10.06
N LEU B 175 32.04 3.53 9.82
CA LEU B 175 31.95 2.96 8.47
C LEU B 175 30.82 1.94 8.49
N ILE B 176 29.92 2.00 7.51
CA ILE B 176 28.87 0.99 7.48
C ILE B 176 28.85 0.32 6.11
N PHE B 177 28.85 -1.01 6.13
CA PHE B 177 28.70 -1.84 4.95
C PHE B 177 27.36 -2.58 4.99
N PHE B 178 26.35 -2.05 4.29
CA PHE B 178 25.00 -2.57 4.36
C PHE B 178 24.89 -3.87 3.56
N ASP B 179 24.06 -4.79 4.07
CA ASP B 179 23.69 -6.03 3.41
C ASP B 179 22.23 -5.91 2.97
N GLY B 180 21.84 -6.67 1.95
CA GLY B 180 20.42 -6.82 1.62
C GLY B 180 19.81 -5.59 0.95
N GLU B 181 20.67 -4.68 0.48
CA GLU B 181 20.29 -3.49 -0.25
C GLU B 181 19.43 -3.87 -1.47
N GLU B 182 19.94 -4.79 -2.31
CA GLU B 182 19.29 -5.09 -3.58
C GLU B 182 18.04 -5.92 -3.35
N ALA B 183 17.06 -5.78 -4.26
CA ALA B 183 15.83 -6.56 -4.32
C ALA B 183 16.16 -7.99 -4.75
N PHE B 184 15.37 -8.94 -4.27
CA PHE B 184 15.54 -10.32 -4.69
C PHE B 184 14.94 -10.46 -6.09
N LEU B 185 13.71 -9.95 -6.22
CA LEU B 185 12.86 -10.02 -7.40
C LEU B 185 12.66 -8.60 -7.92
N HIS B 186 11.40 -8.17 -7.95
CA HIS B 186 11.00 -6.82 -8.35
C HIS B 186 11.12 -5.86 -7.17
N TRP B 187 11.79 -4.72 -7.38
CA TRP B 187 11.95 -3.73 -6.32
C TRP B 187 10.61 -3.32 -5.72
N SER B 188 10.53 -3.32 -4.39
CA SER B 188 9.35 -2.86 -3.68
C SER B 188 9.77 -2.33 -2.31
N PRO B 189 8.87 -1.70 -1.52
CA PRO B 189 9.22 -1.26 -0.16
C PRO B 189 9.74 -2.42 0.69
N GLN B 190 9.16 -3.60 0.42
CA GLN B 190 9.31 -4.81 1.20
C GLN B 190 10.48 -5.65 0.68
N ASP B 191 10.81 -5.51 -0.61
CA ASP B 191 11.89 -6.26 -1.22
C ASP B 191 13.06 -5.35 -1.59
N SER B 192 13.77 -4.86 -0.59
CA SER B 192 14.94 -4.02 -0.80
C SER B 192 15.35 -3.57 0.59
N LEU B 193 16.55 -2.93 0.66
CA LEU B 193 16.90 -2.13 1.81
C LEU B 193 16.66 -2.90 3.11
N TYR B 194 16.98 -4.20 3.09
CA TYR B 194 16.78 -5.05 4.25
C TYR B 194 17.72 -4.66 5.40
N GLY B 195 19.01 -4.45 5.07
CA GLY B 195 20.05 -4.11 6.02
C GLY B 195 19.85 -2.69 6.57
N SER B 196 19.72 -1.74 5.63
CA SER B 196 19.47 -0.34 5.95
C SER B 196 18.21 -0.19 6.80
N ARG B 197 17.10 -0.81 6.38
CA ARG B 197 15.85 -0.66 7.10
C ARG B 197 15.93 -1.28 8.50
N HIS B 198 16.70 -2.36 8.63
CA HIS B 198 16.84 -2.99 9.93
C HIS B 198 17.68 -2.11 10.84
N LEU B 199 18.83 -1.63 10.32
CA LEU B 199 19.84 -1.00 11.14
C LEU B 199 19.32 0.35 11.64
N ALA B 200 18.62 1.07 10.74
CA ALA B 200 18.10 2.39 11.03
C ALA B 200 17.05 2.29 12.13
N ALA B 201 16.20 1.27 12.04
CA ALA B 201 15.24 1.06 13.11
C ALA B 201 16.00 0.79 14.41
N LYS B 202 17.00 -0.12 14.36
CA LYS B 202 17.74 -0.47 15.56
C LYS B 202 18.34 0.80 16.21
N MET B 203 19.03 1.61 15.43
CA MET B 203 19.73 2.77 15.95
C MET B 203 18.68 3.74 16.54
N ALA B 204 17.51 3.82 15.89
CA ALA B 204 16.47 4.74 16.33
C ALA B 204 16.06 4.47 17.77
N SER B 205 15.99 3.19 18.14
CA SER B 205 15.47 2.84 19.45
C SER B 205 16.59 2.60 20.48
N THR B 206 17.83 2.98 20.10
CA THR B 206 19.00 2.71 20.91
C THR B 206 19.55 4.02 21.46
N PRO B 207 19.55 4.18 22.79
CA PRO B 207 20.14 5.36 23.44
C PRO B 207 21.59 5.56 23.01
N HIS B 208 21.93 6.81 22.76
CA HIS B 208 23.29 7.26 22.62
C HIS B 208 23.38 8.69 23.16
N PRO B 209 24.40 9.02 24.00
CA PRO B 209 25.35 8.04 24.52
C PRO B 209 24.64 7.05 25.44
N PRO B 210 25.26 5.89 25.78
CA PRO B 210 24.69 4.97 26.77
C PRO B 210 24.20 5.71 28.03
N GLY B 211 22.95 5.42 28.44
CA GLY B 211 22.34 5.95 29.64
C GLY B 211 21.67 7.32 29.43
N ALA B 212 21.71 7.84 28.21
CA ALA B 212 21.07 9.12 27.94
C ALA B 212 19.55 8.97 27.95
N ARG B 213 18.88 10.10 28.19
CA ARG B 213 17.46 10.24 27.94
C ARG B 213 17.29 10.87 26.55
N GLY B 214 16.19 10.57 25.87
CA GLY B 214 15.84 11.31 24.66
C GLY B 214 16.62 10.87 23.42
N THR B 215 17.95 11.08 23.42
CA THR B 215 18.80 10.92 22.25
C THR B 215 19.05 9.43 21.95
N SER B 216 19.00 9.12 20.63
CA SER B 216 19.22 7.80 20.07
C SER B 216 20.52 7.83 19.30
N GLN B 217 20.90 6.66 18.75
CA GLN B 217 22.06 6.61 17.87
C GLN B 217 21.85 7.47 16.62
N LEU B 218 20.60 7.58 16.14
CA LEU B 218 20.33 8.45 14.99
C LEU B 218 20.75 9.89 15.23
N HIS B 219 20.55 10.41 16.47
CA HIS B 219 20.97 11.76 16.82
C HIS B 219 22.49 11.93 16.70
N GLY B 220 23.24 10.83 16.88
CA GLY B 220 24.70 10.91 16.88
C GLY B 220 25.34 10.84 15.50
N MET B 221 24.52 10.59 14.46
CA MET B 221 24.98 10.61 13.09
C MET B 221 25.02 12.05 12.58
N ASP B 222 26.22 12.63 12.47
CA ASP B 222 26.35 13.98 11.96
C ASP B 222 25.85 14.06 10.53
N LEU B 223 26.30 13.13 9.66
CA LEU B 223 26.07 13.15 8.22
C LEU B 223 26.35 11.75 7.67
N LEU B 224 25.39 11.21 6.91
CA LEU B 224 25.54 9.94 6.23
C LEU B 224 26.08 10.23 4.84
N VAL B 225 27.29 9.75 4.58
CA VAL B 225 27.92 9.91 3.27
C VAL B 225 27.84 8.56 2.57
N LEU B 226 26.85 8.39 1.67
CA LEU B 226 26.50 7.09 1.12
C LEU B 226 27.06 6.97 -0.29
N LEU B 227 28.10 6.14 -0.46
CA LEU B 227 28.75 5.90 -1.74
C LEU B 227 27.98 4.81 -2.48
N ASP B 228 27.77 4.96 -3.80
CA ASP B 228 27.00 3.95 -4.51
C ASP B 228 27.13 4.13 -6.01
N LEU B 229 27.38 3.03 -6.72
CA LEU B 229 27.41 3.04 -8.17
C LEU B 229 28.58 3.91 -8.59
N ILE B 230 29.71 3.77 -7.88
CA ILE B 230 30.94 4.47 -8.26
C ILE B 230 31.88 3.51 -9.00
N GLY B 231 32.49 4.02 -10.08
CA GLY B 231 33.40 3.21 -10.86
C GLY B 231 33.44 3.57 -12.35
N ALA B 232 32.30 4.07 -12.86
CA ALA B 232 32.12 4.42 -14.27
C ALA B 232 32.94 5.66 -14.61
N PRO B 233 33.30 5.93 -15.88
CA PRO B 233 33.95 7.20 -16.23
C PRO B 233 32.97 8.38 -16.30
N ASN B 234 33.50 9.59 -16.10
CA ASN B 234 32.74 10.83 -16.16
C ASN B 234 31.42 10.69 -15.41
N PRO B 235 31.44 10.36 -14.11
CA PRO B 235 30.23 10.37 -13.30
C PRO B 235 29.83 11.83 -13.04
N THR B 236 28.53 12.07 -12.91
CA THR B 236 28.04 13.39 -12.57
C THR B 236 27.12 13.23 -11.36
N PHE B 237 27.58 13.79 -10.24
CA PHE B 237 26.89 13.71 -8.97
C PHE B 237 26.10 14.98 -8.82
N PRO B 238 24.76 14.88 -8.69
CA PRO B 238 23.92 16.04 -8.43
C PRO B 238 23.99 16.35 -6.92
N ASN B 239 23.68 17.62 -6.59
CA ASN B 239 23.61 18.07 -5.21
C ASN B 239 22.17 17.87 -4.72
N PHE B 240 21.92 16.75 -4.05
CA PHE B 240 20.56 16.24 -3.88
C PHE B 240 19.74 16.96 -2.80
N PHE B 241 20.38 17.42 -1.72
CA PHE B 241 19.61 17.77 -0.54
C PHE B 241 20.09 19.09 0.04
N PRO B 242 19.18 20.08 0.27
CA PRO B 242 19.56 21.36 0.86
C PRO B 242 20.32 21.23 2.20
N ASN B 243 19.83 20.38 3.09
CA ASN B 243 20.44 20.26 4.40
C ASN B 243 21.84 19.63 4.33
N SER B 244 22.28 19.18 3.13
CA SER B 244 23.62 18.66 2.97
C SER B 244 24.44 19.46 1.97
N ALA B 245 23.77 20.38 1.25
CA ALA B 245 24.31 21.05 0.08
C ALA B 245 25.64 21.73 0.42
N ARG B 246 25.78 22.24 1.66
CA ARG B 246 27.00 22.93 2.10
C ARG B 246 28.17 21.95 2.25
N TRP B 247 27.87 20.71 2.62
CA TRP B 247 28.91 19.71 2.60
C TRP B 247 29.21 19.33 1.14
N PHE B 248 28.16 19.18 0.31
CA PHE B 248 28.35 18.87 -1.10
C PHE B 248 29.29 19.86 -1.78
N GLU B 249 29.21 21.14 -1.36
CA GLU B 249 30.03 22.22 -1.91
C GLU B 249 31.49 22.09 -1.51
N ARG B 250 31.75 21.42 -0.39
CA ARG B 250 33.13 21.13 -0.01
C ARG B 250 33.73 20.16 -1.04
N LEU B 251 32.97 19.12 -1.42
CA LEU B 251 33.47 18.14 -2.36
C LEU B 251 33.87 18.82 -3.67
N GLN B 252 33.07 19.83 -4.08
CA GLN B 252 33.32 20.55 -5.34
C GLN B 252 34.58 21.40 -5.18
N ALA B 253 34.68 22.09 -4.06
CA ALA B 253 35.84 22.93 -3.81
C ALA B 253 37.09 22.06 -3.76
N ILE B 254 37.00 20.95 -3.00
CA ILE B 254 38.07 19.98 -2.92
C ILE B 254 38.41 19.51 -4.34
N GLU B 255 37.39 19.05 -5.07
CA GLU B 255 37.57 18.66 -6.47
C GLU B 255 38.41 19.72 -7.19
N HIS B 256 37.99 21.00 -7.09
CA HIS B 256 38.55 22.07 -7.91
C HIS B 256 40.00 22.31 -7.52
N GLU B 257 40.27 22.32 -6.21
CA GLU B 257 41.60 22.62 -5.69
C GLU B 257 42.56 21.47 -6.01
N LEU B 258 42.10 20.24 -5.89
CA LEU B 258 43.01 19.13 -6.21
C LEU B 258 43.44 19.23 -7.66
N HIS B 259 42.47 19.56 -8.54
CA HIS B 259 42.65 19.68 -9.98
C HIS B 259 43.65 20.79 -10.28
N GLU B 260 43.49 21.93 -9.60
CA GLU B 260 44.32 23.09 -9.82
C GLU B 260 45.73 22.80 -9.33
N LEU B 261 45.86 21.96 -8.30
CA LEU B 261 47.17 21.68 -7.74
C LEU B 261 47.86 20.58 -8.54
N GLY B 262 47.16 20.08 -9.57
CA GLY B 262 47.69 19.07 -10.50
C GLY B 262 47.76 17.67 -9.91
N LEU B 263 46.83 17.35 -8.99
CA LEU B 263 46.86 16.11 -8.21
C LEU B 263 45.78 15.16 -8.68
N LEU B 264 45.04 15.55 -9.71
CA LEU B 264 44.08 14.61 -10.29
C LEU B 264 44.65 14.05 -11.58
N LYS B 265 44.12 12.92 -12.04
CA LYS B 265 44.66 12.33 -13.25
C LYS B 265 43.56 12.18 -14.30
N ASP B 266 43.84 12.66 -15.51
CA ASP B 266 42.91 12.75 -16.62
C ASP B 266 41.60 13.37 -16.13
N HIS B 267 41.71 14.56 -15.52
CA HIS B 267 40.56 15.30 -15.02
C HIS B 267 40.51 16.66 -15.71
N SER B 268 39.29 17.07 -16.08
CA SER B 268 39.08 18.38 -16.66
C SER B 268 37.97 19.12 -15.89
N LEU B 269 38.05 20.45 -15.88
CA LEU B 269 36.99 21.27 -15.33
C LEU B 269 35.66 20.87 -15.97
N GLU B 270 35.60 20.92 -17.31
CA GLU B 270 34.37 20.63 -18.04
C GLU B 270 33.81 19.27 -17.64
N GLY B 271 34.68 18.26 -17.43
CA GLY B 271 34.23 16.94 -17.05
C GLY B 271 34.37 16.66 -15.54
N ARG B 272 33.92 17.59 -14.70
CA ARG B 272 34.08 17.44 -13.26
C ARG B 272 32.99 16.54 -12.68
N TYR B 273 33.21 16.05 -11.45
CA TYR B 273 32.31 15.04 -10.91
C TYR B 273 31.11 15.67 -10.21
N PHE B 274 31.33 16.76 -9.45
CA PHE B 274 30.33 17.32 -8.54
C PHE B 274 29.67 18.56 -9.15
N GLN B 275 28.37 18.41 -9.47
CA GLN B 275 27.59 19.35 -10.29
C GLN B 275 26.73 20.26 -9.41
N ASN B 276 26.45 21.49 -9.90
CA ASN B 276 25.68 22.47 -9.12
C ASN B 276 24.21 22.06 -9.04
N TYR B 277 23.75 21.28 -10.02
CA TYR B 277 22.32 21.12 -10.18
C TYR B 277 21.85 20.01 -9.25
N SER B 278 20.53 19.98 -9.03
CA SER B 278 19.92 18.97 -8.18
C SER B 278 19.26 17.89 -9.03
N TYR B 279 18.30 17.15 -8.46
CA TYR B 279 17.78 16.00 -9.16
C TYR B 279 16.26 15.94 -9.04
N GLY B 280 15.61 15.60 -10.17
CA GLY B 280 14.17 15.58 -10.33
C GLY B 280 13.46 14.81 -9.23
N GLY B 281 13.51 13.47 -9.28
CA GLY B 281 12.71 12.62 -8.42
C GLY B 281 13.44 12.20 -7.15
N VAL B 282 13.03 11.03 -6.61
CA VAL B 282 13.47 10.52 -5.33
C VAL B 282 14.15 9.15 -5.48
N ILE B 283 15.48 9.11 -5.35
CA ILE B 283 16.25 7.88 -5.49
C ILE B 283 16.14 7.05 -4.22
N GLN B 284 15.66 5.82 -4.36
CA GLN B 284 15.54 4.87 -3.27
C GLN B 284 16.87 4.14 -3.08
N ASP B 285 17.40 4.18 -1.85
CA ASP B 285 18.73 3.68 -1.54
C ASP B 285 18.86 3.54 -0.03
N ASP B 286 20.03 3.06 0.44
CA ASP B 286 20.23 2.74 1.84
C ASP B 286 19.99 3.96 2.75
N HIS B 287 20.03 5.18 2.20
CA HIS B 287 19.83 6.37 3.03
C HIS B 287 18.36 6.56 3.41
N ILE B 288 17.43 5.97 2.66
CA ILE B 288 16.01 6.24 2.83
C ILE B 288 15.57 6.05 4.28
N PRO B 289 15.86 4.90 4.93
CA PRO B 289 15.47 4.70 6.33
C PRO B 289 16.10 5.67 7.34
N PHE B 290 17.17 6.35 6.94
CA PHE B 290 17.86 7.31 7.77
C PHE B 290 17.25 8.71 7.56
N LEU B 291 17.17 9.13 6.30
CA LEU B 291 16.60 10.42 5.93
C LEU B 291 15.15 10.54 6.42
N ARG B 292 14.32 9.48 6.31
CA ARG B 292 12.94 9.63 6.79
C ARG B 292 12.87 9.85 8.30
N ARG B 293 14.00 9.66 9.01
CA ARG B 293 14.02 9.82 10.44
C ARG B 293 14.88 11.04 10.77
N GLY B 294 15.32 11.75 9.72
CA GLY B 294 15.86 13.10 9.90
C GLY B 294 17.39 13.19 9.94
N VAL B 295 18.09 12.10 9.61
CA VAL B 295 19.54 12.17 9.54
C VAL B 295 19.90 12.99 8.30
N PRO B 296 20.84 13.96 8.38
CA PRO B 296 21.47 14.54 7.19
C PRO B 296 22.22 13.54 6.31
N VAL B 297 21.88 13.49 5.01
CA VAL B 297 22.39 12.57 4.02
C VAL B 297 23.13 13.32 2.91
N LEU B 298 24.34 12.86 2.57
CA LEU B 298 25.07 13.33 1.40
C LEU B 298 25.18 12.14 0.45
N HIS B 299 24.35 12.11 -0.61
CA HIS B 299 24.19 10.89 -1.40
C HIS B 299 25.12 10.89 -2.60
N LEU B 300 26.23 10.15 -2.48
CA LEU B 300 27.22 10.13 -3.53
C LEU B 300 26.94 8.95 -4.47
N ILE B 301 25.83 9.09 -5.21
CA ILE B 301 25.35 8.22 -6.26
C ILE B 301 25.21 9.13 -7.48
N PRO B 302 25.71 8.78 -8.69
CA PRO B 302 25.61 9.70 -9.83
C PRO B 302 24.27 9.57 -10.56
N SER B 303 23.89 10.65 -11.25
CA SER B 303 22.74 10.70 -12.14
C SER B 303 23.21 11.33 -13.45
N PRO B 304 23.21 10.59 -14.59
CA PRO B 304 22.64 9.23 -14.65
C PRO B 304 23.48 8.14 -13.96
N PHE B 305 22.84 7.02 -13.61
CA PHE B 305 23.59 5.84 -13.22
C PHE B 305 24.53 5.41 -14.35
N PRO B 306 25.62 4.65 -14.05
CA PRO B 306 26.50 4.13 -15.10
C PRO B 306 25.77 3.30 -16.14
N GLU B 307 26.21 3.41 -17.41
CA GLU B 307 25.66 2.65 -18.52
C GLU B 307 25.46 1.17 -18.15
N VAL B 308 26.43 0.58 -17.43
CA VAL B 308 26.47 -0.86 -17.20
C VAL B 308 25.52 -1.27 -16.09
N TRP B 309 24.68 -0.34 -15.62
CA TRP B 309 23.86 -0.53 -14.44
C TRP B 309 22.92 -1.72 -14.61
N HIS B 310 23.01 -2.67 -13.66
CA HIS B 310 22.22 -3.89 -13.62
C HIS B 310 22.42 -4.72 -14.88
N THR B 311 23.69 -4.82 -15.26
CA THR B 311 24.13 -5.46 -16.47
C THR B 311 25.43 -6.20 -16.17
N MET B 312 25.65 -7.31 -16.90
CA MET B 312 26.82 -8.15 -16.75
C MET B 312 28.09 -7.36 -17.08
N ASP B 313 27.94 -6.24 -17.79
CA ASP B 313 29.08 -5.39 -18.14
C ASP B 313 29.50 -4.53 -16.94
N ASP B 314 28.74 -4.63 -15.86
CA ASP B 314 29.21 -4.04 -14.61
C ASP B 314 30.26 -4.94 -13.97
N ASN B 315 31.49 -4.80 -14.47
CA ASN B 315 32.60 -5.68 -14.17
C ASN B 315 33.85 -4.81 -14.11
N GLU B 316 35.00 -5.46 -13.96
CA GLU B 316 36.24 -4.74 -13.73
C GLU B 316 36.66 -3.98 -14.97
N GLU B 317 36.57 -4.65 -16.12
CA GLU B 317 36.94 -4.07 -17.40
C GLU B 317 36.29 -2.71 -17.56
N ASN B 318 35.07 -2.56 -17.05
CA ASN B 318 34.30 -1.38 -17.37
C ASN B 318 34.56 -0.22 -16.40
N LEU B 319 35.32 -0.48 -15.32
CA LEU B 319 35.66 0.53 -14.33
C LEU B 319 36.68 1.48 -14.93
N ASP B 320 36.79 2.68 -14.32
CA ASP B 320 37.81 3.64 -14.71
C ASP B 320 38.70 3.94 -13.51
N GLU B 321 39.92 3.39 -13.57
CA GLU B 321 40.94 3.50 -12.56
C GLU B 321 41.04 4.95 -12.08
N SER B 322 41.24 5.88 -13.02
CA SER B 322 41.62 7.25 -12.71
C SER B 322 40.49 8.00 -12.00
N THR B 323 39.25 7.72 -12.42
CA THR B 323 38.06 8.29 -11.78
C THR B 323 38.01 7.84 -10.31
N ILE B 324 38.19 6.54 -10.08
CA ILE B 324 38.09 5.99 -8.73
C ILE B 324 39.19 6.60 -7.86
N ASP B 325 40.41 6.67 -8.40
CA ASP B 325 41.57 7.21 -7.70
C ASP B 325 41.36 8.67 -7.31
N ASN B 326 40.86 9.48 -8.27
CA ASN B 326 40.51 10.87 -8.08
C ASN B 326 39.52 11.02 -6.93
N LEU B 327 38.43 10.23 -6.97
CA LEU B 327 37.35 10.27 -5.97
C LEU B 327 37.88 9.84 -4.60
N ASN B 328 38.81 8.86 -4.60
CA ASN B 328 39.51 8.47 -3.39
C ASN B 328 40.14 9.71 -2.75
N LYS B 329 40.80 10.53 -3.58
CA LYS B 329 41.56 11.66 -3.06
C LYS B 329 40.59 12.69 -2.47
N ILE B 330 39.51 12.92 -3.22
CA ILE B 330 38.51 13.91 -2.85
C ILE B 330 37.78 13.49 -1.58
N LEU B 331 37.41 12.20 -1.47
CA LEU B 331 36.63 11.73 -0.32
C LEU B 331 37.50 11.77 0.93
N GLN B 332 38.80 11.51 0.77
CA GLN B 332 39.74 11.42 1.87
C GLN B 332 40.00 12.80 2.47
N VAL B 333 40.26 13.80 1.61
CA VAL B 333 40.38 15.18 2.04
C VAL B 333 39.10 15.57 2.77
N PHE B 334 37.95 15.19 2.21
CA PHE B 334 36.69 15.56 2.84
C PHE B 334 36.65 15.12 4.30
N VAL B 335 36.96 13.84 4.52
CA VAL B 335 36.87 13.16 5.81
C VAL B 335 37.84 13.79 6.81
N LEU B 336 39.09 14.01 6.36
CA LEU B 336 40.10 14.63 7.19
C LEU B 336 39.62 16.02 7.61
N GLU B 337 39.13 16.80 6.64
CA GLU B 337 38.68 18.15 6.90
C GLU B 337 37.49 18.15 7.86
N TYR B 338 36.55 17.22 7.67
CA TYR B 338 35.39 17.15 8.54
C TYR B 338 35.80 16.93 10.01
N LEU B 339 36.82 16.09 10.24
CA LEU B 339 37.19 15.64 11.58
C LEU B 339 38.33 16.50 12.14
N HIS B 340 38.82 17.45 11.35
CA HIS B 340 39.89 18.32 11.79
C HIS B 340 41.21 17.55 11.95
N LEU B 341 41.41 16.56 11.08
CA LEU B 341 42.60 15.71 11.15
C LEU B 341 43.66 16.14 10.13
N SER C 14 -25.57 29.23 -26.74
CA SER C 14 -26.42 28.37 -25.85
C SER C 14 -25.55 27.48 -24.96
N ALA C 15 -26.15 26.98 -23.87
CA ALA C 15 -25.48 26.07 -22.97
C ALA C 15 -26.15 24.70 -23.00
N TRP C 16 -26.31 24.12 -24.19
CA TRP C 16 -26.82 22.75 -24.32
C TRP C 16 -25.84 21.79 -23.63
N PRO C 17 -24.52 22.05 -23.67
CA PRO C 17 -23.54 21.21 -22.97
C PRO C 17 -23.69 21.17 -21.45
N GLU C 18 -24.53 22.05 -20.87
CA GLU C 18 -24.79 22.03 -19.44
C GLU C 18 -26.05 21.21 -19.14
N GLU C 19 -26.77 20.77 -20.17
CA GLU C 19 -28.09 20.18 -19.94
C GLU C 19 -27.99 18.85 -19.21
N LYS C 20 -26.81 18.21 -19.26
CA LYS C 20 -26.58 16.91 -18.64
C LYS C 20 -26.55 17.05 -17.12
N ASN C 21 -26.33 18.28 -16.64
CA ASN C 21 -26.19 18.57 -15.21
C ASN C 21 -27.56 18.59 -14.54
N TYR C 22 -28.61 18.76 -15.34
CA TYR C 22 -29.96 18.99 -14.83
C TYR C 22 -30.83 17.81 -15.21
N HIS C 23 -30.29 16.97 -16.10
CA HIS C 23 -31.10 15.93 -16.70
C HIS C 23 -31.50 14.95 -15.61
N GLN C 24 -32.77 14.50 -15.67
CA GLN C 24 -33.41 13.62 -14.72
C GLN C 24 -33.90 12.38 -15.46
N PRO C 25 -34.11 11.22 -14.78
CA PRO C 25 -34.74 10.07 -15.42
C PRO C 25 -36.25 10.14 -15.31
N ALA C 26 -36.94 9.68 -16.36
CA ALA C 26 -38.33 9.29 -16.23
C ALA C 26 -38.37 7.87 -15.68
N ILE C 27 -38.89 7.75 -14.45
CA ILE C 27 -38.71 6.60 -13.58
C ILE C 27 -39.82 5.59 -13.84
N LEU C 28 -39.43 4.32 -14.05
CA LEU C 28 -40.36 3.32 -14.54
C LEU C 28 -41.15 2.76 -13.36
N ASN C 29 -42.43 2.45 -13.62
CA ASN C 29 -43.37 1.94 -12.63
C ASN C 29 -43.32 0.41 -12.58
N SER C 30 -43.95 -0.18 -11.56
CA SER C 30 -43.83 -1.60 -11.26
C SER C 30 -44.05 -2.45 -12.50
N SER C 31 -45.15 -2.18 -13.20
CA SER C 31 -45.56 -3.07 -14.27
C SER C 31 -44.62 -2.90 -15.46
N ALA C 32 -44.11 -1.67 -15.65
CA ALA C 32 -43.05 -1.42 -16.63
C ALA C 32 -41.79 -2.19 -16.24
N LEU C 33 -41.48 -2.22 -14.94
CA LEU C 33 -40.33 -2.93 -14.44
C LEU C 33 -40.43 -4.43 -14.71
N ARG C 34 -41.64 -5.00 -14.55
CA ARG C 34 -41.90 -6.41 -14.78
C ARG C 34 -41.66 -6.74 -16.26
N GLN C 35 -42.14 -5.84 -17.15
CA GLN C 35 -42.00 -5.99 -18.58
C GLN C 35 -40.53 -6.05 -18.99
N ILE C 36 -39.72 -5.09 -18.48
CA ILE C 36 -38.32 -5.04 -18.84
C ILE C 36 -37.64 -6.32 -18.38
N ALA C 37 -37.97 -6.77 -17.15
CA ALA C 37 -37.36 -7.96 -16.60
C ALA C 37 -37.55 -9.15 -17.55
N GLU C 38 -38.72 -9.24 -18.19
CA GLU C 38 -39.09 -10.41 -18.97
C GLU C 38 -38.71 -10.23 -20.44
N GLY C 39 -38.24 -9.03 -20.79
CA GLY C 39 -37.95 -8.73 -22.18
C GLY C 39 -36.54 -9.16 -22.58
N THR C 40 -35.75 -9.57 -21.58
CA THR C 40 -34.34 -9.83 -21.78
C THR C 40 -34.11 -11.33 -21.60
N SER C 41 -33.24 -11.92 -22.44
CA SER C 41 -32.94 -13.34 -22.38
C SER C 41 -31.46 -13.59 -22.13
N ILE C 42 -31.16 -13.98 -20.88
CA ILE C 42 -29.81 -14.33 -20.52
C ILE C 42 -29.30 -15.52 -21.34
N SER C 43 -30.16 -16.51 -21.60
CA SER C 43 -29.72 -17.70 -22.32
C SER C 43 -29.45 -17.37 -23.80
N GLU C 44 -30.37 -16.61 -24.40
CA GLU C 44 -30.24 -16.11 -25.76
C GLU C 44 -28.94 -15.31 -25.88
N MET C 45 -28.63 -14.53 -24.84
CA MET C 45 -27.45 -13.68 -24.85
C MET C 45 -26.21 -14.58 -24.83
N TRP C 46 -26.32 -15.61 -23.99
CA TRP C 46 -25.23 -16.51 -23.68
C TRP C 46 -24.75 -17.17 -24.96
N GLN C 47 -25.73 -17.73 -25.69
CA GLN C 47 -25.47 -18.46 -26.92
C GLN C 47 -25.11 -17.52 -28.08
N ASN C 48 -25.95 -16.52 -28.32
CA ASN C 48 -25.84 -15.71 -29.53
C ASN C 48 -24.88 -14.52 -29.35
N ASP C 49 -24.64 -14.12 -28.10
CA ASP C 49 -23.91 -12.88 -27.86
C ASP C 49 -22.53 -13.11 -27.23
N LEU C 50 -22.51 -13.88 -26.14
CA LEU C 50 -21.30 -14.12 -25.36
C LEU C 50 -20.46 -15.23 -25.99
N GLN C 51 -21.05 -16.42 -26.16
CA GLN C 51 -20.27 -17.57 -26.61
C GLN C 51 -19.27 -17.18 -27.71
N PRO C 52 -19.69 -16.60 -28.86
CA PRO C 52 -18.78 -16.32 -29.97
C PRO C 52 -17.60 -15.40 -29.66
N LEU C 53 -17.68 -14.70 -28.52
CA LEU C 53 -16.62 -13.78 -28.09
C LEU C 53 -15.63 -14.48 -27.17
N LEU C 54 -16.04 -15.64 -26.66
CA LEU C 54 -15.17 -16.41 -25.78
C LEU C 54 -14.08 -17.08 -26.61
N ILE C 55 -13.15 -16.25 -27.11
CA ILE C 55 -12.05 -16.66 -27.97
C ILE C 55 -10.96 -15.64 -27.76
N GLU C 56 -9.73 -16.01 -28.11
CA GLU C 56 -8.56 -15.16 -28.02
C GLU C 56 -8.65 -14.06 -29.07
N ARG C 57 -8.63 -12.81 -28.62
CA ARG C 57 -8.92 -11.68 -29.50
C ARG C 57 -8.02 -10.49 -29.16
N TYR C 58 -6.75 -10.76 -28.95
CA TYR C 58 -5.79 -9.67 -28.84
C TYR C 58 -5.71 -8.95 -30.18
N PRO C 59 -5.19 -7.70 -30.24
CA PRO C 59 -5.12 -6.96 -31.50
C PRO C 59 -4.47 -7.66 -32.68
N GLY C 60 -5.22 -7.80 -33.78
CA GLY C 60 -4.67 -8.28 -35.04
C GLY C 60 -4.80 -9.80 -35.20
N SER C 61 -5.08 -10.50 -34.10
CA SER C 61 -5.37 -11.92 -34.13
C SER C 61 -6.64 -12.20 -34.96
N PRO C 62 -6.83 -13.43 -35.50
CA PRO C 62 -8.12 -13.84 -36.08
C PRO C 62 -9.34 -13.57 -35.22
N GLY C 63 -9.20 -13.81 -33.91
CA GLY C 63 -10.32 -13.59 -33.01
C GLY C 63 -10.73 -12.12 -33.04
N SER C 64 -9.74 -11.24 -33.13
CA SER C 64 -9.99 -9.80 -33.10
C SER C 64 -10.97 -9.43 -34.21
N TYR C 65 -10.77 -9.99 -35.41
CA TYR C 65 -11.50 -9.65 -36.64
C TYR C 65 -12.90 -10.26 -36.60
N ALA C 66 -12.97 -11.47 -36.03
CA ALA C 66 -14.18 -12.24 -35.83
C ALA C 66 -15.01 -11.57 -34.72
N ALA C 67 -14.30 -11.03 -33.72
CA ALA C 67 -14.95 -10.31 -32.63
C ALA C 67 -15.61 -9.07 -33.22
N ARG C 68 -14.80 -8.26 -33.91
CA ARG C 68 -15.29 -7.10 -34.63
C ARG C 68 -16.54 -7.46 -35.43
N GLN C 69 -16.44 -8.52 -36.27
CA GLN C 69 -17.49 -8.93 -37.20
C GLN C 69 -18.76 -9.32 -36.46
N HIS C 70 -18.58 -10.03 -35.34
CA HIS C 70 -19.71 -10.57 -34.60
C HIS C 70 -20.46 -9.46 -33.90
N ILE C 71 -19.73 -8.43 -33.52
CA ILE C 71 -20.36 -7.29 -32.85
C ILE C 71 -21.19 -6.52 -33.88
N MET C 72 -20.51 -6.06 -34.95
CA MET C 72 -21.19 -5.32 -35.99
C MET C 72 -22.42 -6.07 -36.50
N GLN C 73 -22.29 -7.38 -36.72
CA GLN C 73 -23.38 -8.22 -37.17
C GLN C 73 -24.58 -8.21 -36.24
N ARG C 74 -24.38 -8.44 -34.93
CA ARG C 74 -25.49 -8.50 -33.99
C ARG C 74 -26.25 -7.16 -33.96
N ILE C 75 -25.53 -6.08 -34.28
CA ILE C 75 -26.13 -4.76 -34.23
C ILE C 75 -26.90 -4.50 -35.51
N GLN C 76 -26.30 -4.89 -36.65
CA GLN C 76 -26.82 -4.54 -37.96
C GLN C 76 -28.19 -5.17 -38.12
N ARG C 77 -28.48 -6.21 -37.33
CA ARG C 77 -29.65 -7.06 -37.56
C ARG C 77 -30.85 -6.55 -36.77
N LEU C 78 -30.67 -5.44 -36.07
CA LEU C 78 -31.70 -4.90 -35.20
C LEU C 78 -32.45 -3.78 -35.94
N GLN C 79 -33.72 -3.56 -35.55
CA GLN C 79 -34.63 -2.61 -36.18
C GLN C 79 -34.08 -1.19 -36.05
N ALA C 80 -33.75 -0.83 -34.80
CA ALA C 80 -33.30 0.51 -34.41
C ALA C 80 -32.14 0.93 -35.31
N ASP C 81 -32.02 2.24 -35.52
CA ASP C 81 -31.23 2.75 -36.62
C ASP C 81 -29.76 2.95 -36.24
N TRP C 82 -29.10 1.86 -35.86
CA TRP C 82 -27.71 1.94 -35.47
C TRP C 82 -26.85 2.36 -36.67
N VAL C 83 -25.92 3.30 -36.42
CA VAL C 83 -24.95 3.71 -37.43
C VAL C 83 -23.57 3.35 -36.89
N LEU C 84 -22.87 2.49 -37.62
CA LEU C 84 -21.61 1.93 -37.15
C LEU C 84 -20.43 2.64 -37.80
N GLU C 85 -19.37 2.81 -37.01
CA GLU C 85 -18.13 3.43 -37.41
C GLU C 85 -16.98 2.62 -36.82
N ILE C 86 -16.01 2.27 -37.67
CA ILE C 86 -14.76 1.71 -37.18
C ILE C 86 -13.69 2.80 -37.05
N ASP C 87 -13.29 3.03 -35.80
CA ASP C 87 -12.16 3.90 -35.47
C ASP C 87 -10.89 3.05 -35.48
N THR C 88 -10.29 2.92 -36.68
CA THR C 88 -9.12 2.09 -36.89
C THR C 88 -7.91 3.00 -37.01
N PHE C 89 -6.78 2.57 -36.44
CA PHE C 89 -5.58 3.37 -36.54
C PHE C 89 -4.37 2.48 -36.25
N LEU C 90 -3.18 3.00 -36.59
CA LEU C 90 -1.92 2.34 -36.33
C LEU C 90 -1.36 2.91 -35.03
N SER C 91 -0.51 2.14 -34.33
CA SER C 91 0.24 2.68 -33.20
C SER C 91 1.37 1.74 -32.78
N GLN C 92 2.55 2.32 -32.54
CA GLN C 92 3.70 1.65 -31.95
C GLN C 92 3.27 0.90 -30.68
N THR C 93 3.75 -0.34 -30.54
CA THR C 93 3.56 -1.10 -29.31
C THR C 93 4.88 -1.74 -28.92
N PRO C 94 4.96 -2.44 -27.76
CA PRO C 94 6.19 -3.16 -27.41
C PRO C 94 6.44 -4.35 -28.35
N GLU C 95 5.43 -4.76 -29.13
CA GLU C 95 5.61 -5.81 -30.12
C GLU C 95 5.98 -5.19 -31.46
N GLY C 96 5.98 -3.86 -31.55
CA GLY C 96 6.06 -3.17 -32.82
C GLY C 96 4.67 -2.75 -33.29
N GLU C 97 4.60 -2.07 -34.45
CA GLU C 97 3.38 -1.37 -34.82
C GLU C 97 2.18 -2.32 -34.96
N ARG C 98 1.01 -1.87 -34.46
CA ARG C 98 -0.24 -2.62 -34.56
C ARG C 98 -1.36 -1.73 -35.06
N SER C 99 -2.37 -2.37 -35.65
CA SER C 99 -3.59 -1.72 -36.07
C SER C 99 -4.67 -2.02 -35.04
N PHE C 100 -5.43 -0.98 -34.66
CA PHE C 100 -6.51 -1.11 -33.70
C PHE C 100 -7.79 -0.58 -34.33
N SER C 101 -8.93 -1.14 -33.92
CA SER C 101 -10.23 -0.75 -34.43
C SER C 101 -11.24 -0.68 -33.30
N ASN C 102 -11.58 0.54 -32.87
CA ASN C 102 -12.70 0.70 -31.95
C ASN C 102 -13.94 0.59 -32.80
N ILE C 103 -15.01 0.03 -32.23
CA ILE C 103 -16.33 -0.04 -32.83
C ILE C 103 -17.26 0.93 -32.09
N ILE C 104 -17.80 1.92 -32.81
CA ILE C 104 -18.80 2.86 -32.28
C ILE C 104 -20.16 2.57 -32.91
N SER C 105 -21.19 2.37 -32.09
CA SER C 105 -22.55 2.18 -32.61
C SER C 105 -23.46 3.26 -32.05
N THR C 106 -23.98 4.13 -32.93
CA THR C 106 -24.67 5.32 -32.47
C THR C 106 -26.10 5.38 -33.01
N LEU C 107 -27.09 5.61 -32.12
CA LEU C 107 -28.39 6.03 -32.62
C LEU C 107 -28.41 7.55 -32.72
N ASN C 108 -29.05 8.11 -33.76
CA ASN C 108 -29.21 9.54 -33.90
C ASN C 108 -27.87 10.29 -33.82
N PRO C 109 -26.87 10.03 -34.70
CA PRO C 109 -25.55 10.64 -34.57
C PRO C 109 -25.42 12.15 -34.54
N THR C 110 -26.40 12.88 -35.09
CA THR C 110 -26.30 14.34 -35.04
C THR C 110 -27.03 14.90 -33.82
N ALA C 111 -27.60 14.02 -32.99
CA ALA C 111 -28.12 14.48 -31.71
C ALA C 111 -26.94 15.05 -30.92
N LYS C 112 -27.21 16.18 -30.23
CA LYS C 112 -26.17 16.90 -29.51
C LYS C 112 -25.67 16.06 -28.32
N ARG C 113 -26.61 15.38 -27.65
CA ARG C 113 -26.28 14.60 -26.47
C ARG C 113 -26.36 13.10 -26.76
N HIS C 114 -25.50 12.35 -26.06
CA HIS C 114 -25.53 10.89 -26.05
C HIS C 114 -25.06 10.37 -24.69
N LEU C 115 -25.89 9.48 -24.14
CA LEU C 115 -25.48 8.51 -23.15
C LEU C 115 -24.69 7.39 -23.85
N VAL C 116 -23.53 7.12 -23.27
CA VAL C 116 -22.53 6.24 -23.84
C VAL C 116 -22.33 5.08 -22.88
N LEU C 117 -22.61 3.84 -23.35
CA LEU C 117 -22.18 2.61 -22.70
C LEU C 117 -20.91 2.15 -23.40
N ALA C 118 -19.91 1.72 -22.63
CA ALA C 118 -18.67 1.30 -23.27
C ALA C 118 -18.15 0.03 -22.62
N CYS C 119 -17.32 -0.69 -23.37
CA CYS C 119 -16.40 -1.66 -22.80
C CYS C 119 -15.23 -1.82 -23.75
N HIS C 120 -14.35 -2.77 -23.46
CA HIS C 120 -13.27 -3.14 -24.36
C HIS C 120 -13.53 -4.54 -24.87
N TYR C 121 -13.26 -4.77 -26.16
CA TYR C 121 -13.59 -6.05 -26.74
C TYR C 121 -12.32 -6.90 -26.91
N ASP C 122 -11.14 -6.28 -26.92
CA ASP C 122 -9.87 -7.00 -27.00
C ASP C 122 -9.69 -7.84 -25.74
N SER C 123 -8.90 -8.93 -25.85
CA SER C 123 -8.50 -9.70 -24.68
C SER C 123 -6.98 -9.70 -24.55
N LYS C 124 -6.50 -9.69 -23.30
CA LYS C 124 -5.08 -9.59 -22.98
C LYS C 124 -4.34 -10.79 -23.56
N TYR C 125 -3.13 -10.52 -24.08
CA TYR C 125 -2.30 -11.59 -24.62
C TYR C 125 -1.62 -12.37 -23.49
N PHE C 126 -1.70 -13.71 -23.54
CA PHE C 126 -0.89 -14.57 -22.68
C PHE C 126 -0.22 -15.67 -23.51
N SER C 127 0.93 -16.16 -23.01
CA SER C 127 1.55 -17.38 -23.50
C SER C 127 0.69 -18.56 -23.07
N HIS C 128 0.23 -19.33 -24.06
CA HIS C 128 -0.60 -20.52 -23.87
C HIS C 128 0.11 -21.33 -22.79
N TRP C 129 -0.49 -21.36 -21.59
CA TRP C 129 0.08 -22.10 -20.47
C TRP C 129 -0.65 -23.43 -20.39
N ASN C 130 0.04 -24.51 -20.79
CA ASN C 130 -0.45 -25.88 -20.68
C ASN C 130 -1.74 -26.03 -21.47
N ASN C 131 -1.71 -25.58 -22.74
CA ASN C 131 -2.74 -25.79 -23.76
C ASN C 131 -3.99 -24.94 -23.53
N ARG C 132 -4.02 -24.18 -22.40
CA ARG C 132 -5.16 -23.29 -22.17
C ARG C 132 -4.90 -21.93 -22.80
N VAL C 133 -5.98 -21.24 -23.15
CA VAL C 133 -5.88 -19.91 -23.74
C VAL C 133 -6.63 -18.89 -22.88
N PHE C 134 -6.12 -17.66 -22.82
CA PHE C 134 -6.84 -16.61 -22.12
C PHE C 134 -7.95 -16.06 -23.00
N VAL C 135 -9.21 -16.21 -22.55
CA VAL C 135 -10.37 -15.70 -23.27
C VAL C 135 -11.08 -14.57 -22.52
N GLY C 136 -10.59 -14.17 -21.34
CA GLY C 136 -11.16 -13.05 -20.60
C GLY C 136 -12.69 -12.99 -20.63
N ALA C 137 -13.35 -13.92 -19.93
CA ALA C 137 -14.81 -13.99 -19.93
C ALA C 137 -15.42 -12.73 -19.29
N THR C 138 -15.00 -12.43 -18.04
CA THR C 138 -15.43 -11.23 -17.34
C THR C 138 -14.72 -9.99 -17.89
N ASP C 139 -13.60 -10.22 -18.58
CA ASP C 139 -12.69 -9.13 -18.90
C ASP C 139 -12.40 -9.13 -20.41
N SER C 140 -13.33 -8.63 -21.28
CA SER C 140 -14.64 -8.07 -20.97
C SER C 140 -15.71 -8.64 -21.91
N ALA C 141 -15.58 -9.93 -22.26
CA ALA C 141 -16.50 -10.60 -23.17
C ALA C 141 -17.94 -10.51 -22.65
N VAL C 142 -18.10 -10.51 -21.33
CA VAL C 142 -19.42 -10.44 -20.74
C VAL C 142 -19.97 -9.02 -20.83
N PRO C 143 -19.23 -7.96 -20.46
CA PRO C 143 -19.68 -6.59 -20.74
C PRO C 143 -20.18 -6.42 -22.18
N CYS C 144 -19.38 -6.91 -23.14
CA CYS C 144 -19.69 -6.90 -24.56
C CYS C 144 -21.06 -7.53 -24.80
N ALA C 145 -21.23 -8.78 -24.36
CA ALA C 145 -22.50 -9.47 -24.54
C ALA C 145 -23.64 -8.69 -23.89
N MET C 146 -23.36 -8.04 -22.74
CA MET C 146 -24.41 -7.35 -22.01
C MET C 146 -24.91 -6.18 -22.85
N MET C 147 -23.99 -5.44 -23.46
CA MET C 147 -24.35 -4.32 -24.31
C MET C 147 -25.14 -4.80 -25.54
N LEU C 148 -24.75 -5.94 -26.11
CA LEU C 148 -25.41 -6.48 -27.30
C LEU C 148 -26.80 -7.00 -26.98
N GLU C 149 -26.98 -7.51 -25.76
CA GLU C 149 -28.27 -7.97 -25.28
C GLU C 149 -29.10 -6.75 -24.90
N LEU C 150 -28.43 -5.62 -24.64
CA LEU C 150 -29.21 -4.45 -24.26
C LEU C 150 -29.83 -3.84 -25.51
N ALA C 151 -28.97 -3.54 -26.50
CA ALA C 151 -29.44 -3.10 -27.80
C ALA C 151 -30.56 -4.01 -28.32
N ARG C 152 -30.44 -5.33 -28.11
CA ARG C 152 -31.47 -6.25 -28.59
C ARG C 152 -32.75 -6.11 -27.74
N ALA C 153 -32.61 -6.19 -26.41
CA ALA C 153 -33.78 -6.27 -25.55
C ALA C 153 -34.64 -5.02 -25.71
N LEU C 154 -33.99 -3.89 -26.02
CA LEU C 154 -34.65 -2.59 -25.95
C LEU C 154 -34.99 -2.10 -27.35
N ASP C 155 -34.93 -2.99 -28.36
CA ASP C 155 -34.97 -2.63 -29.78
C ASP C 155 -36.22 -1.82 -30.13
N LYS C 156 -37.41 -2.35 -29.90
CA LYS C 156 -38.64 -1.63 -30.28
C LYS C 156 -38.67 -0.27 -29.58
N LYS C 157 -38.29 -0.22 -28.30
CA LYS C 157 -38.28 1.00 -27.49
C LYS C 157 -37.24 1.97 -28.03
N LEU C 158 -36.09 1.46 -28.47
CA LEU C 158 -35.07 2.35 -29.01
C LEU C 158 -35.41 2.79 -30.43
N LEU C 159 -36.39 2.12 -31.05
CA LEU C 159 -36.72 2.37 -32.44
C LEU C 159 -37.52 3.66 -32.57
N SER C 160 -38.06 4.17 -31.46
CA SER C 160 -38.78 5.43 -31.49
C SER C 160 -37.81 6.62 -31.42
N LEU C 161 -36.56 6.38 -31.05
CA LEU C 161 -35.58 7.46 -31.14
C LEU C 161 -35.45 7.97 -32.58
N LYS C 162 -35.87 7.17 -33.57
CA LYS C 162 -35.80 7.59 -34.96
C LYS C 162 -36.90 8.61 -35.29
N THR C 163 -38.08 8.44 -34.67
CA THR C 163 -39.17 9.40 -34.68
C THR C 163 -38.68 10.75 -34.13
N VAL C 164 -38.39 11.67 -35.06
CA VAL C 164 -37.95 13.02 -34.73
C VAL C 164 -39.10 13.76 -34.04
N SER C 165 -38.77 14.43 -32.94
CA SER C 165 -39.73 15.23 -32.22
C SER C 165 -39.06 16.44 -31.58
N ASP C 166 -39.82 17.53 -31.48
CA ASP C 166 -39.42 18.76 -30.82
C ASP C 166 -39.50 18.55 -29.31
N SER C 167 -40.29 17.53 -28.91
CA SER C 167 -40.81 17.39 -27.54
C SER C 167 -39.79 16.79 -26.58
N LYS C 168 -38.97 15.85 -27.06
CA LYS C 168 -37.95 15.22 -26.23
C LYS C 168 -36.80 16.20 -26.02
N PRO C 169 -35.85 15.92 -25.09
CA PRO C 169 -34.50 16.49 -25.17
C PRO C 169 -33.73 15.87 -26.34
N ASP C 170 -32.66 16.57 -26.77
CA ASP C 170 -31.87 16.19 -27.94
C ASP C 170 -30.83 15.13 -27.55
N LEU C 171 -31.31 13.96 -27.12
CA LEU C 171 -30.45 12.97 -26.50
C LEU C 171 -30.73 11.57 -27.05
N SER C 172 -29.67 10.82 -27.36
CA SER C 172 -29.83 9.43 -27.77
C SER C 172 -28.76 8.55 -27.12
N LEU C 173 -28.43 7.44 -27.78
CA LEU C 173 -27.63 6.39 -27.15
C LEU C 173 -26.43 6.02 -28.03
N GLN C 174 -25.25 5.90 -27.43
CA GLN C 174 -24.11 5.40 -28.20
C GLN C 174 -23.47 4.23 -27.45
N LEU C 175 -22.98 3.21 -28.21
CA LEU C 175 -22.25 2.07 -27.67
C LEU C 175 -20.81 2.16 -28.16
N ILE C 176 -19.82 2.02 -27.27
CA ILE C 176 -18.44 1.99 -27.74
C ILE C 176 -17.78 0.70 -27.26
N PHE C 177 -17.28 -0.09 -28.24
CA PHE C 177 -16.48 -1.28 -27.98
C PHE C 177 -15.00 -0.95 -28.22
N PHE C 178 -14.26 -0.69 -27.13
CA PHE C 178 -12.85 -0.31 -27.24
C PHE C 178 -11.97 -1.50 -27.59
N ASP C 179 -11.04 -1.25 -28.51
CA ASP C 179 -9.97 -2.17 -28.84
C ASP C 179 -8.76 -1.68 -28.06
N GLY C 180 -7.85 -2.59 -27.68
CA GLY C 180 -6.51 -2.20 -27.28
C GLY C 180 -6.41 -1.68 -25.85
N GLU C 181 -7.42 -1.96 -25.01
CA GLU C 181 -7.40 -1.58 -23.61
C GLU C 181 -6.18 -2.13 -22.87
N GLU C 182 -5.89 -3.43 -23.09
CA GLU C 182 -4.90 -4.18 -22.31
C GLU C 182 -3.47 -3.83 -22.74
N ALA C 183 -2.55 -3.89 -21.79
CA ALA C 183 -1.11 -3.77 -22.01
C ALA C 183 -0.63 -4.98 -22.79
N PHE C 184 0.38 -4.76 -23.63
CA PHE C 184 1.04 -5.87 -24.29
C PHE C 184 1.97 -6.59 -23.30
N LEU C 185 2.86 -5.82 -22.66
CA LEU C 185 3.75 -6.26 -21.61
C LEU C 185 3.08 -5.85 -20.31
N HIS C 186 3.87 -5.19 -19.45
CA HIS C 186 3.46 -4.59 -18.20
C HIS C 186 2.79 -3.23 -18.40
N TRP C 187 1.67 -3.00 -17.70
CA TRP C 187 0.83 -1.82 -17.83
C TRP C 187 1.65 -0.53 -17.68
N SER C 188 1.37 0.45 -18.54
CA SER C 188 2.02 1.74 -18.44
C SER C 188 1.22 2.75 -19.24
N PRO C 189 1.44 4.07 -19.00
CA PRO C 189 0.72 5.09 -19.76
C PRO C 189 0.70 4.77 -21.25
N GLN C 190 1.84 4.25 -21.76
CA GLN C 190 2.16 4.09 -23.18
C GLN C 190 1.73 2.70 -23.66
N ASP C 191 1.71 1.71 -22.76
CA ASP C 191 1.27 0.38 -23.11
C ASP C 191 -0.06 -0.04 -22.48
N SER C 192 -1.15 0.60 -22.91
CA SER C 192 -2.49 0.26 -22.45
C SER C 192 -3.41 1.30 -23.06
N LEU C 193 -4.73 1.08 -22.95
CA LEU C 193 -5.69 2.13 -23.25
C LEU C 193 -5.43 2.72 -24.65
N TYR C 194 -5.07 1.85 -25.61
CA TYR C 194 -4.75 2.23 -26.98
C TYR C 194 -5.95 2.88 -27.67
N GLY C 195 -7.07 2.17 -27.65
CA GLY C 195 -8.27 2.59 -28.35
C GLY C 195 -8.87 3.82 -27.69
N SER C 196 -9.06 3.73 -26.38
CA SER C 196 -9.70 4.80 -25.63
C SER C 196 -8.87 6.08 -25.76
N ARG C 197 -7.55 5.98 -25.62
CA ARG C 197 -6.71 7.16 -25.73
C ARG C 197 -6.79 7.81 -27.11
N HIS C 198 -6.87 7.00 -28.17
CA HIS C 198 -6.98 7.55 -29.52
C HIS C 198 -8.34 8.22 -29.71
N LEU C 199 -9.42 7.53 -29.30
CA LEU C 199 -10.79 7.94 -29.59
C LEU C 199 -11.16 9.20 -28.81
N ALA C 200 -10.71 9.29 -27.55
CA ALA C 200 -10.95 10.47 -26.73
C ALA C 200 -10.25 11.67 -27.38
N ALA C 201 -9.03 11.45 -27.87
CA ALA C 201 -8.26 12.50 -28.51
C ALA C 201 -9.00 12.98 -29.77
N LYS C 202 -9.58 12.03 -30.52
CA LYS C 202 -10.28 12.37 -31.74
C LYS C 202 -11.56 13.15 -31.39
N MET C 203 -12.36 12.62 -30.44
CA MET C 203 -13.62 13.26 -30.11
C MET C 203 -13.37 14.67 -29.59
N ALA C 204 -12.25 14.84 -28.88
CA ALA C 204 -11.91 16.11 -28.24
C ALA C 204 -11.65 17.17 -29.31
N SER C 205 -11.16 16.72 -30.48
CA SER C 205 -10.77 17.65 -31.50
C SER C 205 -11.83 17.79 -32.60
N THR C 206 -12.99 17.13 -32.44
CA THR C 206 -14.00 17.03 -33.50
C THR C 206 -15.22 17.83 -33.09
N PRO C 207 -15.59 18.87 -33.88
CA PRO C 207 -16.78 19.68 -33.61
C PRO C 207 -18.03 18.82 -33.47
N HIS C 208 -18.86 19.16 -32.48
CA HIS C 208 -20.20 18.58 -32.35
C HIS C 208 -21.11 19.62 -31.72
N PRO C 209 -22.33 19.88 -32.28
CA PRO C 209 -22.78 19.26 -33.53
C PRO C 209 -21.91 19.68 -34.71
N PRO C 210 -22.01 18.97 -35.86
CA PRO C 210 -21.26 19.36 -37.05
C PRO C 210 -21.54 20.85 -37.29
N GLY C 211 -20.46 21.63 -37.50
CA GLY C 211 -20.57 23.04 -37.84
C GLY C 211 -20.49 23.96 -36.63
N ALA C 212 -20.49 23.40 -35.40
CA ALA C 212 -20.50 24.23 -34.20
C ALA C 212 -19.16 24.93 -33.98
N ARG C 213 -19.21 26.01 -33.20
CA ARG C 213 -18.03 26.62 -32.61
C ARG C 213 -17.86 26.09 -31.19
N GLY C 214 -16.60 26.03 -30.73
CA GLY C 214 -16.32 25.71 -29.34
C GLY C 214 -16.50 24.23 -29.00
N THR C 215 -17.71 23.68 -29.22
CA THR C 215 -18.14 22.41 -28.66
C THR C 215 -17.64 21.22 -29.47
N SER C 216 -17.01 20.27 -28.76
CA SER C 216 -16.51 19.02 -29.35
C SER C 216 -17.53 17.90 -29.11
N GLN C 217 -17.23 16.72 -29.65
CA GLN C 217 -17.97 15.51 -29.34
C GLN C 217 -17.85 15.15 -27.85
N LEU C 218 -16.77 15.58 -27.21
CA LEU C 218 -16.68 15.31 -25.77
C LEU C 218 -17.76 16.05 -24.98
N HIS C 219 -18.13 17.28 -25.39
CA HIS C 219 -19.21 18.02 -24.75
C HIS C 219 -20.54 17.26 -24.88
N GLY C 220 -20.62 16.44 -25.94
CA GLY C 220 -21.85 15.76 -26.33
C GLY C 220 -22.14 14.54 -25.48
N MET C 221 -21.10 14.05 -24.79
CA MET C 221 -21.23 12.87 -23.93
C MET C 221 -21.83 13.25 -22.59
N ASP C 222 -23.10 12.87 -22.42
CA ASP C 222 -23.81 13.06 -21.17
C ASP C 222 -23.11 12.33 -20.02
N LEU C 223 -22.91 11.03 -20.19
CA LEU C 223 -22.37 10.17 -19.14
C LEU C 223 -21.81 8.91 -19.80
N LEU C 224 -20.53 8.65 -19.56
CA LEU C 224 -19.87 7.41 -19.97
C LEU C 224 -20.11 6.37 -18.89
N VAL C 225 -20.86 5.31 -19.26
CA VAL C 225 -21.05 4.15 -18.40
C VAL C 225 -20.11 3.06 -18.90
N LEU C 226 -18.98 2.89 -18.22
CA LEU C 226 -18.02 1.87 -18.63
C LEU C 226 -18.26 0.59 -17.83
N LEU C 227 -18.54 -0.50 -18.57
CA LEU C 227 -18.72 -1.85 -18.03
C LEU C 227 -17.38 -2.59 -18.06
N ASP C 228 -16.96 -3.16 -16.92
CA ASP C 228 -15.69 -3.85 -16.90
C ASP C 228 -15.65 -4.90 -15.80
N LEU C 229 -15.17 -6.10 -16.19
CA LEU C 229 -14.90 -7.25 -15.33
C LEU C 229 -16.20 -7.67 -14.66
N ILE C 230 -17.25 -7.80 -15.48
CA ILE C 230 -18.53 -8.28 -14.98
C ILE C 230 -18.70 -9.76 -15.33
N GLY C 231 -19.31 -10.52 -14.41
CA GLY C 231 -19.62 -11.93 -14.64
C GLY C 231 -19.37 -12.86 -13.43
N ALA C 232 -18.56 -12.39 -12.47
CA ALA C 232 -18.24 -13.11 -11.24
C ALA C 232 -19.46 -13.16 -10.30
N PRO C 233 -19.54 -14.14 -9.36
CA PRO C 233 -20.62 -14.14 -8.36
C PRO C 233 -20.32 -13.03 -7.35
N ASN C 234 -21.39 -12.50 -6.73
CA ASN C 234 -21.37 -11.50 -5.67
C ASN C 234 -20.39 -10.37 -5.99
N PRO C 235 -20.59 -9.64 -7.12
CA PRO C 235 -19.73 -8.49 -7.44
C PRO C 235 -20.12 -7.38 -6.47
N THR C 236 -19.17 -6.50 -6.15
CA THR C 236 -19.46 -5.32 -5.34
C THR C 236 -18.85 -4.10 -6.02
N PHE C 237 -19.72 -3.20 -6.46
CA PHE C 237 -19.29 -2.02 -7.18
C PHE C 237 -19.34 -0.83 -6.22
N PRO C 238 -18.23 -0.10 -6.04
CA PRO C 238 -18.20 1.11 -5.21
C PRO C 238 -18.68 2.30 -6.04
N ASN C 239 -19.08 3.38 -5.35
CA ASN C 239 -19.57 4.57 -6.03
C ASN C 239 -18.40 5.55 -6.20
N PHE C 240 -17.74 5.47 -7.36
CA PHE C 240 -16.39 6.03 -7.47
C PHE C 240 -16.39 7.56 -7.46
N PHE C 241 -17.41 8.16 -8.08
CA PHE C 241 -17.27 9.49 -8.62
C PHE C 241 -18.38 10.42 -8.14
N PRO C 242 -18.05 11.50 -7.38
CA PRO C 242 -19.05 12.51 -7.00
C PRO C 242 -19.90 13.01 -8.18
N ASN C 243 -19.27 13.40 -9.29
CA ASN C 243 -20.06 13.97 -10.37
C ASN C 243 -21.01 12.97 -11.03
N SER C 244 -20.95 11.67 -10.66
CA SER C 244 -21.87 10.70 -11.21
C SER C 244 -22.65 9.94 -10.14
N ALA C 245 -22.45 10.30 -8.86
CA ALA C 245 -22.91 9.49 -7.74
C ALA C 245 -24.43 9.45 -7.70
N ARG C 246 -25.09 10.51 -8.20
CA ARG C 246 -26.55 10.52 -8.30
C ARG C 246 -27.03 9.47 -9.33
N TRP C 247 -26.27 9.29 -10.40
CA TRP C 247 -26.60 8.21 -11.32
C TRP C 247 -26.29 6.86 -10.66
N PHE C 248 -25.17 6.76 -9.94
CA PHE C 248 -24.90 5.50 -9.25
C PHE C 248 -26.06 5.12 -8.32
N GLU C 249 -26.71 6.11 -7.71
CA GLU C 249 -27.79 5.89 -6.76
C GLU C 249 -29.07 5.37 -7.45
N ARG C 250 -29.28 5.75 -8.71
CA ARG C 250 -30.35 5.13 -9.47
C ARG C 250 -30.10 3.62 -9.61
N LEU C 251 -28.83 3.23 -9.81
CA LEU C 251 -28.54 1.82 -9.97
C LEU C 251 -28.86 1.06 -8.69
N GLN C 252 -28.58 1.68 -7.52
CA GLN C 252 -28.85 1.06 -6.23
C GLN C 252 -30.35 0.92 -6.04
N ALA C 253 -31.09 1.93 -6.51
CA ALA C 253 -32.53 2.02 -6.30
C ALA C 253 -33.27 1.07 -7.26
N ILE C 254 -32.76 0.92 -8.49
CA ILE C 254 -33.35 -0.04 -9.41
C ILE C 254 -33.15 -1.45 -8.88
N GLU C 255 -31.91 -1.76 -8.48
CA GLU C 255 -31.62 -3.02 -7.82
C GLU C 255 -32.63 -3.30 -6.69
N HIS C 256 -32.90 -2.28 -5.86
CA HIS C 256 -33.70 -2.50 -4.68
C HIS C 256 -35.15 -2.80 -5.08
N GLU C 257 -35.65 -2.05 -6.07
CA GLU C 257 -37.00 -2.22 -6.56
C GLU C 257 -37.16 -3.58 -7.25
N LEU C 258 -36.21 -3.93 -8.12
CA LEU C 258 -36.34 -5.18 -8.88
C LEU C 258 -36.40 -6.37 -7.92
N HIS C 259 -35.48 -6.36 -6.95
CA HIS C 259 -35.44 -7.35 -5.88
C HIS C 259 -36.79 -7.42 -5.17
N GLU C 260 -37.29 -6.23 -4.79
CA GLU C 260 -38.51 -6.11 -4.01
C GLU C 260 -39.70 -6.67 -4.78
N LEU C 261 -39.65 -6.55 -6.10
CA LEU C 261 -40.70 -6.99 -6.99
C LEU C 261 -40.48 -8.46 -7.37
N GLY C 262 -39.40 -9.05 -6.85
CA GLY C 262 -39.09 -10.46 -7.09
C GLY C 262 -38.76 -10.75 -8.55
N LEU C 263 -38.08 -9.80 -9.19
CA LEU C 263 -37.73 -9.87 -10.61
C LEU C 263 -36.25 -10.18 -10.72
N LEU C 264 -35.61 -10.34 -9.57
CA LEU C 264 -34.21 -10.71 -9.55
C LEU C 264 -34.11 -12.17 -9.16
N LYS C 265 -33.02 -12.82 -9.59
CA LYS C 265 -32.83 -14.24 -9.31
C LYS C 265 -31.54 -14.42 -8.52
N ASP C 266 -31.62 -15.25 -7.48
CA ASP C 266 -30.53 -15.57 -6.56
C ASP C 266 -29.99 -14.27 -5.95
N HIS C 267 -30.90 -13.38 -5.51
CA HIS C 267 -30.50 -12.07 -5.03
C HIS C 267 -30.97 -11.88 -3.58
N SER C 268 -30.09 -11.37 -2.73
CA SER C 268 -30.47 -10.96 -1.39
C SER C 268 -30.02 -9.52 -1.16
N LEU C 269 -30.59 -8.86 -0.14
CA LEU C 269 -30.29 -7.47 0.09
C LEU C 269 -28.86 -7.37 0.62
N GLU C 270 -28.52 -8.28 1.54
CA GLU C 270 -27.20 -8.36 2.14
C GLU C 270 -26.15 -8.68 1.05
N GLY C 271 -26.56 -9.37 -0.02
CA GLY C 271 -25.69 -9.63 -1.15
C GLY C 271 -25.92 -8.69 -2.36
N ARG C 272 -26.08 -7.39 -2.13
CA ARG C 272 -26.38 -6.45 -3.20
C ARG C 272 -25.10 -6.01 -3.91
N TYR C 273 -25.25 -5.53 -5.17
CA TYR C 273 -24.14 -5.19 -6.04
C TYR C 273 -23.64 -3.76 -5.81
N PHE C 274 -24.53 -2.78 -5.81
CA PHE C 274 -24.11 -1.40 -5.82
C PHE C 274 -24.04 -0.83 -4.42
N GLN C 275 -22.84 -0.38 -4.04
CA GLN C 275 -22.46 -0.15 -2.65
C GLN C 275 -22.44 1.33 -2.33
N ASN C 276 -22.61 1.65 -1.04
CA ASN C 276 -22.66 3.05 -0.61
C ASN C 276 -21.27 3.66 -0.53
N TYR C 277 -20.22 2.83 -0.50
CA TYR C 277 -18.91 3.36 -0.19
C TYR C 277 -18.18 3.65 -1.49
N SER C 278 -17.09 4.39 -1.38
CA SER C 278 -16.27 4.80 -2.50
C SER C 278 -15.01 3.94 -2.55
N TYR C 279 -13.97 4.43 -3.21
CA TYR C 279 -12.79 3.62 -3.45
C TYR C 279 -11.56 4.47 -3.20
N GLY C 280 -10.57 3.86 -2.54
CA GLY C 280 -9.35 4.52 -2.11
C GLY C 280 -8.56 5.12 -3.26
N GLY C 281 -8.07 4.25 -4.17
CA GLY C 281 -7.11 4.67 -5.17
C GLY C 281 -7.74 5.11 -6.50
N VAL C 282 -6.92 5.00 -7.55
CA VAL C 282 -7.26 5.45 -8.89
C VAL C 282 -7.16 4.26 -9.85
N ILE C 283 -8.30 3.83 -10.40
CA ILE C 283 -8.31 2.69 -11.32
C ILE C 283 -8.09 3.17 -12.75
N GLN C 284 -7.02 2.68 -13.38
CA GLN C 284 -6.79 2.89 -14.80
C GLN C 284 -7.73 1.96 -15.57
N ASP C 285 -8.38 2.52 -16.60
CA ASP C 285 -9.35 1.86 -17.45
C ASP C 285 -9.72 2.83 -18.59
N ASP C 286 -10.66 2.42 -19.45
CA ASP C 286 -10.93 3.14 -20.69
C ASP C 286 -11.51 4.53 -20.40
N HIS C 287 -12.10 4.72 -19.20
CA HIS C 287 -12.64 6.02 -18.80
C HIS C 287 -11.56 7.10 -18.70
N ILE C 288 -10.34 6.76 -18.30
CA ILE C 288 -9.36 7.76 -17.89
C ILE C 288 -9.27 8.90 -18.91
N PRO C 289 -9.06 8.61 -20.21
CA PRO C 289 -8.90 9.63 -21.24
C PRO C 289 -10.08 10.58 -21.44
N PHE C 290 -11.28 10.07 -21.10
CA PHE C 290 -12.53 10.78 -21.04
C PHE C 290 -12.60 11.63 -19.77
N LEU C 291 -12.42 10.99 -18.59
CA LEU C 291 -12.42 11.64 -17.29
C LEU C 291 -11.49 12.85 -17.30
N ARG C 292 -10.22 12.67 -17.68
CA ARG C 292 -9.26 13.75 -17.51
C ARG C 292 -9.61 14.94 -18.38
N ARG C 293 -10.66 14.81 -19.20
CA ARG C 293 -11.06 15.85 -20.11
C ARG C 293 -12.44 16.31 -19.69
N GLY C 294 -12.96 15.70 -18.62
CA GLY C 294 -14.06 16.30 -17.90
C GLY C 294 -15.41 15.64 -18.19
N VAL C 295 -15.35 14.47 -18.84
CA VAL C 295 -16.56 13.75 -19.10
C VAL C 295 -17.00 13.07 -17.80
N PRO C 296 -18.28 13.19 -17.40
CA PRO C 296 -18.83 12.36 -16.33
C PRO C 296 -18.77 10.87 -16.69
N VAL C 297 -18.20 10.08 -15.75
CA VAL C 297 -17.96 8.64 -15.81
C VAL C 297 -18.71 7.99 -14.67
N LEU C 298 -19.43 6.94 -15.02
CA LEU C 298 -19.98 5.98 -14.09
C LEU C 298 -19.23 4.67 -14.35
N HIS C 299 -18.25 4.33 -13.48
CA HIS C 299 -17.36 3.19 -13.72
C HIS C 299 -17.94 1.93 -13.10
N LEU C 300 -18.64 1.13 -13.91
CA LEU C 300 -19.17 -0.13 -13.40
C LEU C 300 -18.12 -1.23 -13.56
N ILE C 301 -17.14 -1.19 -12.64
CA ILE C 301 -16.11 -2.21 -12.44
C ILE C 301 -16.20 -2.58 -10.96
N PRO C 302 -16.15 -3.87 -10.56
CA PRO C 302 -16.18 -4.23 -9.14
C PRO C 302 -14.86 -3.96 -8.41
N SER C 303 -14.97 -3.86 -7.07
CA SER C 303 -13.85 -3.84 -6.16
C SER C 303 -14.23 -4.71 -4.98
N PRO C 304 -13.57 -5.88 -4.80
CA PRO C 304 -12.36 -6.21 -5.56
C PRO C 304 -12.64 -6.73 -6.97
N PHE C 305 -11.61 -6.78 -7.81
CA PHE C 305 -11.70 -7.48 -9.09
C PHE C 305 -12.12 -8.94 -8.87
N PRO C 306 -12.73 -9.61 -9.90
CA PRO C 306 -12.96 -11.05 -9.87
C PRO C 306 -11.73 -11.85 -9.45
N GLU C 307 -11.94 -12.94 -8.69
CA GLU C 307 -10.84 -13.81 -8.28
C GLU C 307 -9.98 -14.18 -9.49
N VAL C 308 -10.66 -14.41 -10.62
CA VAL C 308 -10.04 -15.04 -11.78
C VAL C 308 -9.31 -13.98 -12.59
N TRP C 309 -9.17 -12.77 -12.03
CA TRP C 309 -8.61 -11.64 -12.76
C TRP C 309 -7.20 -11.96 -13.27
N HIS C 310 -7.04 -11.88 -14.60
CA HIS C 310 -5.76 -12.06 -15.26
C HIS C 310 -5.22 -13.47 -15.09
N THR C 311 -6.13 -14.43 -15.29
CA THR C 311 -5.98 -15.84 -14.98
C THR C 311 -6.78 -16.63 -16.01
N MET C 312 -6.28 -17.84 -16.32
CA MET C 312 -6.86 -18.79 -17.26
C MET C 312 -8.23 -19.29 -16.79
N ASP C 313 -8.56 -19.04 -15.51
CA ASP C 313 -9.88 -19.38 -14.97
C ASP C 313 -10.91 -18.29 -15.29
N ASP C 314 -10.45 -17.19 -15.89
CA ASP C 314 -11.39 -16.20 -16.39
C ASP C 314 -12.07 -16.76 -17.63
N ASN C 315 -13.07 -17.63 -17.40
CA ASN C 315 -13.65 -18.48 -18.43
C ASN C 315 -15.14 -18.62 -18.16
N GLU C 316 -15.82 -19.43 -18.99
CA GLU C 316 -17.26 -19.55 -18.93
C GLU C 316 -17.71 -20.26 -17.66
N GLU C 317 -16.91 -21.24 -17.23
CA GLU C 317 -17.19 -22.00 -16.02
C GLU C 317 -17.39 -21.06 -14.84
N ASN C 318 -16.50 -20.06 -14.73
CA ASN C 318 -16.46 -19.22 -13.55
C ASN C 318 -17.39 -18.01 -13.65
N LEU C 319 -18.16 -17.90 -14.75
CA LEU C 319 -19.19 -16.87 -14.84
C LEU C 319 -20.41 -17.30 -14.03
N ASP C 320 -21.27 -16.32 -13.70
CA ASP C 320 -22.50 -16.56 -12.94
C ASP C 320 -23.70 -16.01 -13.69
N GLU C 321 -24.49 -16.92 -14.26
CA GLU C 321 -25.55 -16.55 -15.17
C GLU C 321 -26.51 -15.59 -14.50
N SER C 322 -26.86 -15.88 -13.23
CA SER C 322 -27.93 -15.16 -12.53
C SER C 322 -27.50 -13.74 -12.20
N THR C 323 -26.22 -13.57 -11.83
CA THR C 323 -25.60 -12.27 -11.61
C THR C 323 -25.68 -11.40 -12.87
N ILE C 324 -25.31 -11.96 -14.01
CA ILE C 324 -25.26 -11.23 -15.27
C ILE C 324 -26.69 -10.85 -15.72
N ASP C 325 -27.59 -11.84 -15.65
CA ASP C 325 -29.01 -11.64 -15.94
C ASP C 325 -29.57 -10.49 -15.10
N ASN C 326 -29.38 -10.58 -13.76
CA ASN C 326 -29.79 -9.57 -12.80
C ASN C 326 -29.27 -8.20 -13.24
N LEU C 327 -27.98 -8.13 -13.57
CA LEU C 327 -27.34 -6.87 -13.92
C LEU C 327 -27.88 -6.35 -15.26
N ASN C 328 -28.17 -7.28 -16.21
CA ASN C 328 -28.79 -6.91 -17.47
C ASN C 328 -30.06 -6.12 -17.19
N LYS C 329 -30.85 -6.61 -16.23
CA LYS C 329 -32.16 -6.04 -15.91
C LYS C 329 -31.99 -4.61 -15.40
N ILE C 330 -31.09 -4.46 -14.41
CA ILE C 330 -30.80 -3.19 -13.79
C ILE C 330 -30.29 -2.17 -14.81
N LEU C 331 -29.51 -2.62 -15.81
CA LEU C 331 -28.85 -1.72 -16.74
C LEU C 331 -29.83 -1.25 -17.81
N GLN C 332 -30.68 -2.18 -18.25
CA GLN C 332 -31.75 -1.89 -19.19
C GLN C 332 -32.70 -0.85 -18.60
N VAL C 333 -33.08 -1.03 -17.32
CA VAL C 333 -34.00 -0.10 -16.67
C VAL C 333 -33.30 1.26 -16.56
N PHE C 334 -32.02 1.20 -16.21
CA PHE C 334 -31.23 2.42 -16.13
C PHE C 334 -31.24 3.20 -17.44
N VAL C 335 -31.03 2.51 -18.57
CA VAL C 335 -30.92 3.17 -19.87
C VAL C 335 -32.26 3.76 -20.30
N LEU C 336 -33.33 2.96 -20.20
CA LEU C 336 -34.69 3.35 -20.52
C LEU C 336 -35.05 4.64 -19.79
N GLU C 337 -34.70 4.64 -18.50
CA GLU C 337 -35.13 5.68 -17.59
C GLU C 337 -34.36 6.96 -17.89
N TYR C 338 -33.12 6.79 -18.35
CA TYR C 338 -32.27 7.92 -18.69
C TYR C 338 -32.76 8.59 -19.98
N LEU C 339 -33.18 7.77 -20.97
CA LEU C 339 -33.58 8.26 -22.29
C LEU C 339 -35.07 8.59 -22.30
N HIS C 340 -35.76 8.23 -21.22
CA HIS C 340 -37.17 8.53 -21.08
C HIS C 340 -37.99 7.65 -22.01
N LEU C 341 -37.64 6.35 -22.12
CA LEU C 341 -38.40 5.41 -22.93
C LEU C 341 -39.21 4.44 -22.05
CO CO D . -4.60 8.46 25.40
S SO4 E . 8.72 3.20 12.37
O1 SO4 E . 8.48 4.40 11.59
O2 SO4 E . 7.47 2.44 12.42
O3 SO4 E . 9.79 2.42 11.80
O4 SO4 E . 9.13 3.53 13.71
CO CO F . 22.08 -2.15 -7.97
S SO4 G . 10.35 0.10 7.42
O1 SO4 G . 9.86 0.12 8.77
O2 SO4 G . 10.48 -1.28 7.01
O3 SO4 G . 9.46 0.79 6.52
O4 SO4 G . 11.66 0.75 7.39
CO CO H . -7.82 -7.43 -18.23
C1 GOL I . -10.26 8.04 -11.96
O1 GOL I . -9.64 6.85 -12.41
C2 GOL I . -9.49 9.31 -12.26
O2 GOL I . -9.93 10.35 -11.37
C3 GOL I . -7.98 9.15 -12.18
O3 GOL I . -7.29 10.09 -12.98
S SO4 J . -2.53 10.44 -24.11
O1 SO4 J . -3.90 10.14 -23.71
O2 SO4 J . -1.93 9.28 -24.74
O3 SO4 J . -2.55 11.51 -25.06
O4 SO4 J . -1.74 10.82 -22.96
#